data_8A05
# 
_entry.id   8A05 
# 
_audit_conform.dict_name       mmcif_pdbx.dic 
_audit_conform.dict_version    5.395 
_audit_conform.dict_location   http://mmcif.pdb.org/dictionaries/ascii/mmcif_pdbx.dic 
# 
loop_
_database_2.database_id 
_database_2.database_code 
_database_2.pdbx_database_accession 
_database_2.pdbx_DOI 
PDB   8A05         pdb_00008a05 10.2210/pdb8a05/pdb 
WWPDB D_1292123203 ?            ?                   
EMDB  EMD-15048    ?            ?                   
# 
loop_
_pdbx_audit_revision_history.ordinal 
_pdbx_audit_revision_history.data_content_type 
_pdbx_audit_revision_history.major_revision 
_pdbx_audit_revision_history.minor_revision 
_pdbx_audit_revision_history.revision_date 
1 'Structure model' 1 0 2022-12-14 
2 'Structure model' 1 1 2024-07-24 
# 
_pdbx_audit_revision_details.ordinal             1 
_pdbx_audit_revision_details.revision_ordinal    1 
_pdbx_audit_revision_details.data_content_type   'Structure model' 
_pdbx_audit_revision_details.provider            repository 
_pdbx_audit_revision_details.type                'Initial release' 
_pdbx_audit_revision_details.description         ? 
_pdbx_audit_revision_details.details             ? 
# 
_pdbx_audit_revision_group.ordinal             1 
_pdbx_audit_revision_group.revision_ordinal    2 
_pdbx_audit_revision_group.data_content_type   'Structure model' 
_pdbx_audit_revision_group.group               'Data collection' 
# 
loop_
_pdbx_audit_revision_category.ordinal 
_pdbx_audit_revision_category.revision_ordinal 
_pdbx_audit_revision_category.data_content_type 
_pdbx_audit_revision_category.category 
1 2 'Structure model' chem_comp_atom 
2 2 'Structure model' chem_comp_bond 
3 2 'Structure model' em_admin       
# 
_pdbx_audit_revision_item.ordinal             1 
_pdbx_audit_revision_item.revision_ordinal    2 
_pdbx_audit_revision_item.data_content_type   'Structure model' 
_pdbx_audit_revision_item.item                '_em_admin.last_update' 
# 
_pdbx_database_status.status_code                     REL 
_pdbx_database_status.status_code_sf                  ? 
_pdbx_database_status.status_code_mr                  ? 
_pdbx_database_status.entry_id                        8A05 
_pdbx_database_status.recvd_initial_deposition_date   2022-05-26 
_pdbx_database_status.SG_entry                        N 
_pdbx_database_status.deposit_site                    PDBE 
_pdbx_database_status.process_site                    PDBE 
_pdbx_database_status.status_code_cs                  ? 
_pdbx_database_status.status_code_nmr_data            ? 
_pdbx_database_status.methods_development_category    ? 
_pdbx_database_status.pdb_format_compatible           Y 
# 
_pdbx_database_related.db_name        EMDB 
_pdbx_database_related.details        'Bacteriophage phiCjT23 major capsid protein trimer type 1' 
_pdbx_database_related.db_id          EMD-15048 
_pdbx_database_related.content_type   'associated EM volume' 
# 
_pdbx_contact_author.id                 2 
_pdbx_contact_author.email              juha.huiskonen@helsinki.fi 
_pdbx_contact_author.name_first         Juha 
_pdbx_contact_author.name_last          Huiskonen 
_pdbx_contact_author.name_mi            T. 
_pdbx_contact_author.role               'principal investigator/group leader' 
_pdbx_contact_author.identifier_ORCID   0000-0002-0348-7323 
# 
loop_
_audit_author.name 
_audit_author.pdbx_ordinal 
_audit_author.identifier_ORCID 
'Rissanen, I.'    1 ? 
'Huiskonen, J.T.' 2 ? 
# 
_citation.abstract                  ? 
_citation.abstract_id_CAS           ? 
_citation.book_id_ISBN              ? 
_citation.book_publisher            ? 
_citation.book_publisher_city       ? 
_citation.book_title                ? 
_citation.coordinate_linkage        ? 
_citation.country                   UK 
_citation.database_id_Medline       ? 
_citation.details                   ? 
_citation.id                        primary 
_citation.journal_abbrev            'Nat Commun' 
_citation.journal_id_ASTM           ? 
_citation.journal_id_CSD            ? 
_citation.journal_id_ISSN           2041-1723 
_citation.journal_full              ? 
_citation.journal_issue             ? 
_citation.journal_volume            13 
_citation.language                  ? 
_citation.page_first                7478 
_citation.page_last                 7478 
_citation.title                     
'Cryo-EM structure of ssDNA bacteriophage Phi CjT23 provides insight into early virus evolution.' 
_citation.year                      2022 
_citation.database_id_CSD           ? 
_citation.pdbx_database_id_DOI      10.1038/s41467-022-35123-6 
_citation.pdbx_database_id_PubMed   36463224 
_citation.pdbx_database_id_patent   ? 
_citation.unpublished_flag          ? 
# 
loop_
_citation_author.citation_id 
_citation_author.name 
_citation_author.ordinal 
_citation_author.identifier_ORCID 
primary 'Kejzar, N.'      1 ?                   
primary 'Laanto, E.'      2 0000-0003-4172-3128 
primary 'Rissanen, I.'    3 0000-0003-4937-1825 
primary 'Abrishami, V.'   4 0000-0002-3772-7663 
primary 'Selvaraj, M.'    5 0000-0001-7793-6323 
primary 'Moineau, S.'     6 0000-0002-2832-5101 
primary 'Ravantti, J.'    7 ?                   
primary 'Sundberg, L.R.'  8 0000-0003-3510-4398 
primary 'Huiskonen, J.T.' 9 0000-0002-0348-7323 
# 
loop_
_entity.id 
_entity.type 
_entity.src_method 
_entity.pdbx_description 
_entity.formula_weight 
_entity.pdbx_number_of_molecules 
_entity.pdbx_ec 
_entity.pdbx_mutation 
_entity.pdbx_fragment 
_entity.details 
1 polymer nat 'Spike protein P13 N-terminal, capsid internal domain' 10438.764 1 ? ? ? ? 
2 polymer nat 'Unknown vertex protein'                               443.539   1 ? ? ? ? 
# 
loop_
_entity_poly.entity_id 
_entity_poly.type 
_entity_poly.nstd_linkage 
_entity_poly.nstd_monomer 
_entity_poly.pdbx_seq_one_letter_code 
_entity_poly.pdbx_seq_one_letter_code_can 
_entity_poly.pdbx_strand_id 
_entity_poly.pdbx_target_identifier 
1 'polypeptide(L)' no no 
;MNFIQYIDDSYAVKVKEINSSEGFYINGIQTPFFILSVFIGNKRVTGVEFNNYDSLPMLSVINDLGNIDLNVIPQNYFAT
AFTEIYFNIPF
;
;MNFIQYIDDSYAVKVKEINSSEGFYINGIQTPFFILSVFIGNKRVTGVEFNNYDSLPMLSVINDLGNIDLNVIPQNYFAT
AFTEIYFNIPF
;
P ? 
2 'polypeptide(L)' no no '(UNK)(UNK)(UNK)(UNK)(UNK)'                                                                    XXXXX X ? 
# 
loop_
_entity_poly_seq.entity_id 
_entity_poly_seq.num 
_entity_poly_seq.mon_id 
_entity_poly_seq.hetero 
1 1  MET n 
1 2  ASN n 
1 3  PHE n 
1 4  ILE n 
1 5  GLN n 
1 6  TYR n 
1 7  ILE n 
1 8  ASP n 
1 9  ASP n 
1 10 SER n 
1 11 TYR n 
1 12 ALA n 
1 13 VAL n 
1 14 LYS n 
1 15 VAL n 
1 16 LYS n 
1 17 GLU n 
1 18 ILE n 
1 19 ASN n 
1 20 SER n 
1 21 SER n 
1 22 GLU n 
1 23 GLY n 
1 24 PHE n 
1 25 TYR n 
1 26 ILE n 
1 27 ASN n 
1 28 GLY n 
1 29 ILE n 
1 30 GLN n 
1 31 THR n 
1 32 PRO n 
1 33 PHE n 
1 34 PHE n 
1 35 ILE n 
1 36 LEU n 
1 37 SER n 
1 38 VAL n 
1 39 PHE n 
1 40 ILE n 
1 41 GLY n 
1 42 ASN n 
1 43 LYS n 
1 44 ARG n 
1 45 VAL n 
1 46 THR n 
1 47 GLY n 
1 48 VAL n 
1 49 GLU n 
1 50 PHE n 
1 51 ASN n 
1 52 ASN n 
1 53 TYR n 
1 54 ASP n 
1 55 SER n 
1 56 LEU n 
1 57 PRO n 
1 58 MET n 
1 59 LEU n 
1 60 SER n 
1 61 VAL n 
1 62 ILE n 
1 63 ASN n 
1 64 ASP n 
1 65 LEU n 
1 66 GLY n 
1 67 ASN n 
1 68 ILE n 
1 69 ASP n 
1 70 LEU n 
1 71 ASN n 
1 72 VAL n 
1 73 ILE n 
1 74 PRO n 
1 75 GLN n 
1 76 ASN n 
1 77 TYR n 
1 78 PHE n 
1 79 ALA n 
1 80 THR n 
1 81 ALA n 
1 82 PHE n 
1 83 THR n 
1 84 GLU n 
1 85 ILE n 
1 86 TYR n 
1 87 PHE n 
1 88 ASN n 
1 89 ILE n 
1 90 PRO n 
1 91 PHE n 
2 1  UNK n 
2 2  UNK n 
2 3  UNK n 
2 4  UNK n 
2 5  UNK n 
# 
loop_
_entity_src_nat.entity_id 
_entity_src_nat.pdbx_src_id 
_entity_src_nat.pdbx_alt_source_flag 
_entity_src_nat.pdbx_beg_seq_num 
_entity_src_nat.pdbx_end_seq_num 
_entity_src_nat.common_name 
_entity_src_nat.pdbx_organism_scientific 
_entity_src_nat.pdbx_ncbi_taxonomy_id 
_entity_src_nat.genus 
_entity_src_nat.species 
_entity_src_nat.strain 
_entity_src_nat.tissue 
_entity_src_nat.tissue_fraction 
_entity_src_nat.pdbx_secretion 
_entity_src_nat.pdbx_fragment 
_entity_src_nat.pdbx_variant 
_entity_src_nat.pdbx_cell_line 
_entity_src_nat.pdbx_atcc 
_entity_src_nat.pdbx_cellular_location 
_entity_src_nat.pdbx_organ 
_entity_src_nat.pdbx_organelle 
_entity_src_nat.pdbx_cell 
_entity_src_nat.pdbx_plasmid_name 
_entity_src_nat.pdbx_plasmid_details 
_entity_src_nat.details 
1 1 sample 1 91 ? 'Flavobacterium phage' 908820 ? ? ? ? ? ? ? ? ? ? ? ? ? ? ? ? ? 
2 1 sample 1 5  ? unidentified           32644  ? ? ? ? ? ? ? ? ? ? ? ? ? ? ? ? ? 
# 
loop_
_chem_comp.id 
_chem_comp.type 
_chem_comp.mon_nstd_flag 
_chem_comp.name 
_chem_comp.pdbx_synonyms 
_chem_comp.formula 
_chem_comp.formula_weight 
ALA 'L-peptide linking' y ALANINE         ? 'C3 H7 N O2'     89.093  
ARG 'L-peptide linking' y ARGININE        ? 'C6 H15 N4 O2 1' 175.209 
ASN 'L-peptide linking' y ASPARAGINE      ? 'C4 H8 N2 O3'    132.118 
ASP 'L-peptide linking' y 'ASPARTIC ACID' ? 'C4 H7 N O4'     133.103 
GLN 'L-peptide linking' y GLUTAMINE       ? 'C5 H10 N2 O3'   146.144 
GLU 'L-peptide linking' y 'GLUTAMIC ACID' ? 'C5 H9 N O4'     147.129 
GLY 'peptide linking'   y GLYCINE         ? 'C2 H5 N O2'     75.067  
ILE 'L-peptide linking' y ISOLEUCINE      ? 'C6 H13 N O2'    131.173 
LEU 'L-peptide linking' y LEUCINE         ? 'C6 H13 N O2'    131.173 
LYS 'L-peptide linking' y LYSINE          ? 'C6 H15 N2 O2 1' 147.195 
MET 'L-peptide linking' y METHIONINE      ? 'C5 H11 N O2 S'  149.211 
PHE 'L-peptide linking' y PHENYLALANINE   ? 'C9 H11 N O2'    165.189 
PRO 'L-peptide linking' y PROLINE         ? 'C5 H9 N O2'     115.130 
SER 'L-peptide linking' y SERINE          ? 'C3 H7 N O3'     105.093 
THR 'L-peptide linking' y THREONINE       ? 'C4 H9 N O3'     119.119 
TYR 'L-peptide linking' y TYROSINE        ? 'C9 H11 N O3'    181.189 
UNK 'L-peptide linking' . UNKNOWN         ? 'C4 H9 N O2'     103.120 
VAL 'L-peptide linking' y VALINE          ? 'C5 H11 N O2'    117.146 
# 
loop_
_pdbx_poly_seq_scheme.asym_id 
_pdbx_poly_seq_scheme.entity_id 
_pdbx_poly_seq_scheme.seq_id 
_pdbx_poly_seq_scheme.mon_id 
_pdbx_poly_seq_scheme.ndb_seq_num 
_pdbx_poly_seq_scheme.pdb_seq_num 
_pdbx_poly_seq_scheme.auth_seq_num 
_pdbx_poly_seq_scheme.pdb_mon_id 
_pdbx_poly_seq_scheme.auth_mon_id 
_pdbx_poly_seq_scheme.pdb_strand_id 
_pdbx_poly_seq_scheme.pdb_ins_code 
_pdbx_poly_seq_scheme.hetero 
A 1 1  MET 1  1  1  MET MET P . n 
A 1 2  ASN 2  2  2  ASN ASN P . n 
A 1 3  PHE 3  3  3  PHE PHE P . n 
A 1 4  ILE 4  4  4  ILE ILE P . n 
A 1 5  GLN 5  5  5  GLN GLN P . n 
A 1 6  TYR 6  6  6  TYR TYR P . n 
A 1 7  ILE 7  7  7  ILE ILE P . n 
A 1 8  ASP 8  8  8  ASP ASP P . n 
A 1 9  ASP 9  9  9  ASP ASP P . n 
A 1 10 SER 10 10 10 SER SER P . n 
A 1 11 TYR 11 11 11 TYR TYR P . n 
A 1 12 ALA 12 12 12 ALA ALA P . n 
A 1 13 VAL 13 13 13 VAL VAL P . n 
A 1 14 LYS 14 14 14 LYS LYS P . n 
A 1 15 VAL 15 15 15 VAL VAL P . n 
A 1 16 LYS 16 16 16 LYS LYS P . n 
A 1 17 GLU 17 17 17 GLU GLU P . n 
A 1 18 ILE 18 18 18 ILE ILE P . n 
A 1 19 ASN 19 19 19 ASN ASN P . n 
A 1 20 SER 20 20 20 SER SER P . n 
A 1 21 SER 21 21 21 SER SER P . n 
A 1 22 GLU 22 22 22 GLU GLU P . n 
A 1 23 GLY 23 23 23 GLY GLY P . n 
A 1 24 PHE 24 24 24 PHE PHE P . n 
A 1 25 TYR 25 25 25 TYR TYR P . n 
A 1 26 ILE 26 26 26 ILE ILE P . n 
A 1 27 ASN 27 27 27 ASN ASN P . n 
A 1 28 GLY 28 28 28 GLY GLY P . n 
A 1 29 ILE 29 29 29 ILE ILE P . n 
A 1 30 GLN 30 30 30 GLN GLN P . n 
A 1 31 THR 31 31 31 THR THR P . n 
A 1 32 PRO 32 32 32 PRO PRO P . n 
A 1 33 PHE 33 33 33 PHE PHE P . n 
A 1 34 PHE 34 34 34 PHE PHE P . n 
A 1 35 ILE 35 35 35 ILE ILE P . n 
A 1 36 LEU 36 36 36 LEU LEU P . n 
A 1 37 SER 37 37 37 SER SER P . n 
A 1 38 VAL 38 38 38 VAL VAL P . n 
A 1 39 PHE 39 39 39 PHE PHE P . n 
A 1 40 ILE 40 40 40 ILE ILE P . n 
A 1 41 GLY 41 41 41 GLY GLY P . n 
A 1 42 ASN 42 42 42 ASN ASN P . n 
A 1 43 LYS 43 43 43 LYS LYS P . n 
A 1 44 ARG 44 44 44 ARG ARG P . n 
A 1 45 VAL 45 45 45 VAL VAL P . n 
A 1 46 THR 46 46 46 THR THR P . n 
A 1 47 GLY 47 47 47 GLY GLY P . n 
A 1 48 VAL 48 48 48 VAL VAL P . n 
A 1 49 GLU 49 49 49 GLU GLU P . n 
A 1 50 PHE 50 50 50 PHE PHE P . n 
A 1 51 ASN 51 51 51 ASN ASN P . n 
A 1 52 ASN 52 52 52 ASN ASN P . n 
A 1 53 TYR 53 53 53 TYR TYR P . n 
A 1 54 ASP 54 54 54 ASP ASP P . n 
A 1 55 SER 55 55 55 SER SER P . n 
A 1 56 LEU 56 56 56 LEU LEU P . n 
A 1 57 PRO 57 57 57 PRO PRO P . n 
A 1 58 MET 58 58 58 MET MET P . n 
A 1 59 LEU 59 59 59 LEU LEU P . n 
A 1 60 SER 60 60 60 SER SER P . n 
A 1 61 VAL 61 61 61 VAL VAL P . n 
A 1 62 ILE 62 62 62 ILE ILE P . n 
A 1 63 ASN 63 63 63 ASN ASN P . n 
A 1 64 ASP 64 64 64 ASP ASP P . n 
A 1 65 LEU 65 65 65 LEU LEU P . n 
A 1 66 GLY 66 66 66 GLY GLY P . n 
A 1 67 ASN 67 67 67 ASN ASN P . n 
A 1 68 ILE 68 68 68 ILE ILE P . n 
A 1 69 ASP 69 69 69 ASP ASP P . n 
A 1 70 LEU 70 70 70 LEU LEU P . n 
A 1 71 ASN 71 71 71 ASN ASN P . n 
A 1 72 VAL 72 72 72 VAL VAL P . n 
A 1 73 ILE 73 73 73 ILE ILE P . n 
A 1 74 PRO 74 74 74 PRO PRO P . n 
A 1 75 GLN 75 75 75 GLN GLN P . n 
A 1 76 ASN 76 76 76 ASN ASN P . n 
A 1 77 TYR 77 77 77 TYR TYR P . n 
A 1 78 PHE 78 78 78 PHE PHE P . n 
A 1 79 ALA 79 79 79 ALA ALA P . n 
A 1 80 THR 80 80 80 THR THR P . n 
A 1 81 ALA 81 81 81 ALA ALA P . n 
A 1 82 PHE 82 82 82 PHE PHE P . n 
A 1 83 THR 83 83 83 THR THR P . n 
A 1 84 GLU 84 84 84 GLU GLU P . n 
A 1 85 ILE 85 85 85 ILE ILE P . n 
A 1 86 TYR 86 86 86 TYR TYR P . n 
A 1 87 PHE 87 87 87 PHE PHE P . n 
A 1 88 ASN 88 88 88 ASN ASN P . n 
A 1 89 ILE 89 89 89 ILE ILE P . n 
A 1 90 PRO 90 90 90 PRO PRO P . n 
A 1 91 PHE 91 91 91 PHE PHE P . n 
B 2 1  UNK 1  1  1  UNK UNK X . n 
B 2 2  UNK 2  2  2  UNK UNK X . n 
B 2 3  UNK 3  3  3  UNK UNK X . n 
B 2 4  UNK 4  4  4  UNK UNK X . n 
B 2 5  UNK 5  5  5  UNK UNK X . n 
# 
_software.citation_id            ? 
_software.classification         refinement 
_software.compiler_name          ? 
_software.compiler_version       ? 
_software.contact_author         ? 
_software.contact_author_email   ? 
_software.date                   ? 
_software.description            ? 
_software.dependencies           ? 
_software.hardware               ? 
_software.language               ? 
_software.location               ? 
_software.mods                   ? 
_software.name                   PHENIX 
_software.os                     ? 
_software.os_version             ? 
_software.type                   ? 
_software.version                . 
_software.pdbx_ordinal           1 
# 
_cell.angle_alpha                  90.00 
_cell.angle_alpha_esd              ? 
_cell.angle_beta                   90.00 
_cell.angle_beta_esd               ? 
_cell.angle_gamma                  90.00 
_cell.angle_gamma_esd              ? 
_cell.entry_id                     8A05 
_cell.details                      ? 
_cell.formula_units_Z              ? 
_cell.length_a                     1.00 
_cell.length_a_esd                 ? 
_cell.length_b                     1.00 
_cell.length_b_esd                 ? 
_cell.length_c                     1.00 
_cell.length_c_esd                 ? 
_cell.volume                       ? 
_cell.volume_esd                   ? 
_cell.Z_PDB                        ? 
_cell.reciprocal_angle_alpha       ? 
_cell.reciprocal_angle_beta        ? 
_cell.reciprocal_angle_gamma       ? 
_cell.reciprocal_angle_alpha_esd   ? 
_cell.reciprocal_angle_beta_esd    ? 
_cell.reciprocal_angle_gamma_esd   ? 
_cell.reciprocal_length_a          ? 
_cell.reciprocal_length_b          ? 
_cell.reciprocal_length_c          ? 
_cell.reciprocal_length_a_esd      ? 
_cell.reciprocal_length_b_esd      ? 
_cell.reciprocal_length_c_esd      ? 
_cell.pdbx_unique_axis             ? 
_cell.pdbx_esd_method              ? 
# 
_symmetry.entry_id                         8A05 
_symmetry.cell_setting                     ? 
_symmetry.Int_Tables_number                1 
_symmetry.space_group_name_Hall            ? 
_symmetry.space_group_name_H-M             'P 1' 
_symmetry.pdbx_full_space_group_name_H-M   ? 
# 
_exptl.absorpt_coefficient_mu     ? 
_exptl.absorpt_correction_T_max   ? 
_exptl.absorpt_correction_T_min   ? 
_exptl.absorpt_correction_type    ? 
_exptl.absorpt_process_details    ? 
_exptl.entry_id                   8A05 
_exptl.crystals_number            ? 
_exptl.details                    ? 
_exptl.method                     'ELECTRON MICROSCOPY' 
_exptl.method_details             ? 
# 
_refine.pdbx_refine_id                           'ELECTRON MICROSCOPY' 
_refine.entry_id                                 8A05 
_refine.pdbx_diffrn_id                           ? 
_refine.pdbx_TLS_residual_ADP_flag               ? 
_refine.ls_number_reflns_obs                     ? 
_refine.ls_number_reflns_all                     ? 
_refine.pdbx_ls_sigma_I                          ? 
_refine.pdbx_ls_sigma_F                          ? 
_refine.pdbx_data_cutoff_high_absF               ? 
_refine.pdbx_data_cutoff_low_absF                ? 
_refine.pdbx_data_cutoff_high_rms_absF           ? 
_refine.ls_d_res_low                             ? 
_refine.ls_d_res_high                            . 
_refine.ls_percent_reflns_obs                    ? 
_refine.ls_R_factor_obs                          ? 
_refine.ls_R_factor_all                          ? 
_refine.ls_R_factor_R_work                       ? 
_refine.ls_R_factor_R_free                       ? 
_refine.ls_R_factor_R_free_error                 ? 
_refine.ls_R_factor_R_free_error_details         ? 
_refine.ls_percent_reflns_R_free                 ? 
_refine.ls_number_reflns_R_free                  ? 
_refine.ls_number_parameters                     ? 
_refine.ls_number_restraints                     ? 
_refine.occupancy_min                            ? 
_refine.occupancy_max                            ? 
_refine.correlation_coeff_Fo_to_Fc               ? 
_refine.correlation_coeff_Fo_to_Fc_free          ? 
_refine.B_iso_mean                               ? 
_refine.aniso_B[1][1]                            ? 
_refine.aniso_B[2][2]                            ? 
_refine.aniso_B[3][3]                            ? 
_refine.aniso_B[1][2]                            ? 
_refine.aniso_B[1][3]                            ? 
_refine.aniso_B[2][3]                            ? 
_refine.solvent_model_details                    ? 
_refine.solvent_model_param_ksol                 ? 
_refine.solvent_model_param_bsol                 ? 
_refine.pdbx_solvent_vdw_probe_radii             ? 
_refine.pdbx_solvent_ion_probe_radii             ? 
_refine.pdbx_solvent_shrinkage_radii             ? 
_refine.pdbx_ls_cross_valid_method               ? 
_refine.details                                  ? 
_refine.pdbx_starting_model                      ? 
_refine.pdbx_method_to_determine_struct          ? 
_refine.pdbx_isotropic_thermal_model             ? 
_refine.pdbx_stereochemistry_target_values       ? 
_refine.pdbx_stereochem_target_val_spec_case     ? 
_refine.pdbx_R_Free_selection_details            ? 
_refine.pdbx_overall_ESU_R                       ? 
_refine.pdbx_overall_ESU_R_Free                  ? 
_refine.overall_SU_ML                            ? 
_refine.pdbx_overall_phase_error                 ? 
_refine.overall_SU_B                             ? 
_refine.overall_SU_R_Cruickshank_DPI             ? 
_refine.pdbx_overall_SU_R_free_Cruickshank_DPI   ? 
_refine.pdbx_overall_SU_R_Blow_DPI               ? 
_refine.pdbx_overall_SU_R_free_Blow_DPI          ? 
# 
loop_
_refine_ls_restr.pdbx_refine_id 
_refine_ls_restr.criterion 
_refine_ls_restr.dev_ideal 
_refine_ls_restr.dev_ideal_target 
_refine_ls_restr.number 
_refine_ls_restr.rejects 
_refine_ls_restr.type 
_refine_ls_restr.weight 
_refine_ls_restr.pdbx_restraint_function 
'ELECTRON MICROSCOPY' ? 0.002 ? 782  ? f_bond_d           ? ? 
'ELECTRON MICROSCOPY' ? 0.415 ? 1063 ? f_angle_d          ? ? 
'ELECTRON MICROSCOPY' ? 2.900 ? 101  ? f_dihedral_angle_d ? ? 
'ELECTRON MICROSCOPY' ? 0.047 ? 119  ? f_chiral_restr     ? ? 
'ELECTRON MICROSCOPY' ? 0.004 ? 138  ? f_plane_restr      ? ? 
# 
_struct.entry_id                     8A05 
_struct.title                        'Bacteriophage phiCjT23 spike protein penton domain' 
_struct.pdbx_model_details           ? 
_struct.pdbx_formula_weight          ? 
_struct.pdbx_formula_weight_method   ? 
_struct.pdbx_model_type_details      ? 
_struct.pdbx_CASP_flag               N 
# 
_struct_keywords.entry_id        8A05 
_struct_keywords.text            'bacteriophage, phiCjT23, VIRUS' 
_struct_keywords.pdbx_keywords   VIRUS 
# 
loop_
_struct_asym.id 
_struct_asym.pdbx_blank_PDB_chainid_flag 
_struct_asym.pdbx_modified 
_struct_asym.entity_id 
_struct_asym.details 
A N N 1 ? 
B N N 2 ? 
# 
loop_
_struct_ref.id 
_struct_ref.db_name 
_struct_ref.db_code 
_struct_ref.pdbx_db_accession 
_struct_ref.pdbx_db_isoform 
_struct_ref.entity_id 
_struct_ref.pdbx_seq_one_letter_code 
_struct_ref.pdbx_align_begin 
1 PDB 8A05 8A05 ? 1 ? 1 
2 PDB 8A05 8A05 ? 2 ? 1 
# 
loop_
_struct_ref_seq.align_id 
_struct_ref_seq.ref_id 
_struct_ref_seq.pdbx_PDB_id_code 
_struct_ref_seq.pdbx_strand_id 
_struct_ref_seq.seq_align_beg 
_struct_ref_seq.pdbx_seq_align_beg_ins_code 
_struct_ref_seq.seq_align_end 
_struct_ref_seq.pdbx_seq_align_end_ins_code 
_struct_ref_seq.pdbx_db_accession 
_struct_ref_seq.db_align_beg 
_struct_ref_seq.pdbx_db_align_beg_ins_code 
_struct_ref_seq.db_align_end 
_struct_ref_seq.pdbx_db_align_end_ins_code 
_struct_ref_seq.pdbx_auth_seq_align_beg 
_struct_ref_seq.pdbx_auth_seq_align_end 
1 1 8A05 P 1 ? 91 ? 8A05 1 ? 91 ? 1 91 
2 2 8A05 X 1 ? 5  ? 8A05 1 ? 5  ? 1 5  
# 
_pdbx_struct_assembly.id                   1 
_pdbx_struct_assembly.details              author_defined_assembly 
_pdbx_struct_assembly.method_details       ? 
_pdbx_struct_assembly.oligomeric_details   dimeric 
_pdbx_struct_assembly.oligomeric_count     2 
# 
loop_
_pdbx_struct_assembly_prop.biol_id 
_pdbx_struct_assembly_prop.type 
_pdbx_struct_assembly_prop.value 
_pdbx_struct_assembly_prop.details 
1 'ABSA (A^2)' 420  ? 
1 MORE         -3   ? 
1 'SSA (A^2)'  5780 ? 
# 
_pdbx_struct_assembly_gen.assembly_id       1 
_pdbx_struct_assembly_gen.oper_expression   1 
_pdbx_struct_assembly_gen.asym_id_list      A,B 
# 
_pdbx_struct_assembly_auth_evidence.id                     1 
_pdbx_struct_assembly_auth_evidence.assembly_id            1 
_pdbx_struct_assembly_auth_evidence.experimental_support   none 
_pdbx_struct_assembly_auth_evidence.details                ? 
# 
_pdbx_struct_oper_list.id                   1 
_pdbx_struct_oper_list.type                 'identity operation' 
_pdbx_struct_oper_list.name                 1_555 
_pdbx_struct_oper_list.symmetry_operation   ? 
_pdbx_struct_oper_list.matrix[1][1]         1.0000000000 
_pdbx_struct_oper_list.matrix[1][2]         0.0000000000 
_pdbx_struct_oper_list.matrix[1][3]         0.0000000000 
_pdbx_struct_oper_list.vector[1]            0.0000000000 
_pdbx_struct_oper_list.matrix[2][1]         0.0000000000 
_pdbx_struct_oper_list.matrix[2][2]         1.0000000000 
_pdbx_struct_oper_list.matrix[2][3]         0.0000000000 
_pdbx_struct_oper_list.vector[2]            0.0000000000 
_pdbx_struct_oper_list.matrix[3][1]         0.0000000000 
_pdbx_struct_oper_list.matrix[3][2]         0.0000000000 
_pdbx_struct_oper_list.matrix[3][3]         1.0000000000 
_pdbx_struct_oper_list.vector[3]            0.0000000000 
# 
loop_
_struct_conf.conf_type_id 
_struct_conf.id 
_struct_conf.pdbx_PDB_helix_id 
_struct_conf.beg_label_comp_id 
_struct_conf.beg_label_asym_id 
_struct_conf.beg_label_seq_id 
_struct_conf.pdbx_beg_PDB_ins_code 
_struct_conf.end_label_comp_id 
_struct_conf.end_label_asym_id 
_struct_conf.end_label_seq_id 
_struct_conf.pdbx_end_PDB_ins_code 
_struct_conf.beg_auth_comp_id 
_struct_conf.beg_auth_asym_id 
_struct_conf.beg_auth_seq_id 
_struct_conf.end_auth_comp_id 
_struct_conf.end_auth_asym_id 
_struct_conf.end_auth_seq_id 
_struct_conf.pdbx_PDB_helix_class 
_struct_conf.details 
_struct_conf.pdbx_PDB_helix_length 
HELX_P HELX_P1 AA1 SER A 55 ? ASP A 64 ? SER P 55 ASP P 64 1 ? 10 
HELX_P HELX_P2 AA2 PRO A 74 ? PHE A 78 ? PRO P 74 PHE P 78 5 ? 5  
# 
_struct_conf_type.id          HELX_P 
_struct_conf_type.criteria    ? 
_struct_conf_type.reference   ? 
# 
loop_
_struct_sheet.id 
_struct_sheet.type 
_struct_sheet.number_strands 
_struct_sheet.details 
AA1 ? 4 ? 
AA2 ? 2 ? 
# 
loop_
_struct_sheet_order.sheet_id 
_struct_sheet_order.range_id_1 
_struct_sheet_order.range_id_2 
_struct_sheet_order.offset 
_struct_sheet_order.sense 
AA1 1 2 ? anti-parallel 
AA1 2 3 ? anti-parallel 
AA1 3 4 ? anti-parallel 
AA2 1 2 ? anti-parallel 
# 
loop_
_struct_sheet_range.sheet_id 
_struct_sheet_range.id 
_struct_sheet_range.beg_label_comp_id 
_struct_sheet_range.beg_label_asym_id 
_struct_sheet_range.beg_label_seq_id 
_struct_sheet_range.pdbx_beg_PDB_ins_code 
_struct_sheet_range.end_label_comp_id 
_struct_sheet_range.end_label_asym_id 
_struct_sheet_range.end_label_seq_id 
_struct_sheet_range.pdbx_end_PDB_ins_code 
_struct_sheet_range.beg_auth_comp_id 
_struct_sheet_range.beg_auth_asym_id 
_struct_sheet_range.beg_auth_seq_id 
_struct_sheet_range.end_auth_comp_id 
_struct_sheet_range.end_auth_asym_id 
_struct_sheet_range.end_auth_seq_id 
AA1 1 VAL A 13 ? GLU A 17 ? VAL P 13 GLU P 17 
AA1 2 PHE A 3  ? ILE A 7  ? PHE P 3  ILE P 7  
AA1 3 PHE A 34 ? ILE A 40 ? PHE P 34 ILE P 40 
AA1 4 LYS A 43 ? ARG A 44 ? LYS P 43 ARG P 44 
AA2 1 PHE A 24 ? ILE A 26 ? PHE P 24 ILE P 26 
AA2 2 ILE A 85 ? PHE A 87 ? ILE P 85 PHE P 87 
# 
loop_
_pdbx_struct_sheet_hbond.sheet_id 
_pdbx_struct_sheet_hbond.range_id_1 
_pdbx_struct_sheet_hbond.range_id_2 
_pdbx_struct_sheet_hbond.range_1_label_atom_id 
_pdbx_struct_sheet_hbond.range_1_label_comp_id 
_pdbx_struct_sheet_hbond.range_1_label_asym_id 
_pdbx_struct_sheet_hbond.range_1_label_seq_id 
_pdbx_struct_sheet_hbond.range_1_PDB_ins_code 
_pdbx_struct_sheet_hbond.range_1_auth_atom_id 
_pdbx_struct_sheet_hbond.range_1_auth_comp_id 
_pdbx_struct_sheet_hbond.range_1_auth_asym_id 
_pdbx_struct_sheet_hbond.range_1_auth_seq_id 
_pdbx_struct_sheet_hbond.range_2_label_atom_id 
_pdbx_struct_sheet_hbond.range_2_label_comp_id 
_pdbx_struct_sheet_hbond.range_2_label_asym_id 
_pdbx_struct_sheet_hbond.range_2_label_seq_id 
_pdbx_struct_sheet_hbond.range_2_PDB_ins_code 
_pdbx_struct_sheet_hbond.range_2_auth_atom_id 
_pdbx_struct_sheet_hbond.range_2_auth_comp_id 
_pdbx_struct_sheet_hbond.range_2_auth_asym_id 
_pdbx_struct_sheet_hbond.range_2_auth_seq_id 
AA1 1 2 O LYS A 16 ? O LYS P 16 N ILE A 4  ? N ILE P 4  
AA1 2 3 N PHE A 3  ? N PHE P 3  O PHE A 39 ? O PHE P 39 
AA1 3 4 N ILE A 40 ? N ILE P 40 O LYS A 43 ? O LYS P 43 
AA2 1 2 N PHE A 24 ? N PHE P 24 O PHE A 87 ? O PHE P 87 
# 
_pdbx_validate_torsion.id              1 
_pdbx_validate_torsion.PDB_model_num   1 
_pdbx_validate_torsion.auth_comp_id    GLN 
_pdbx_validate_torsion.auth_asym_id    P 
_pdbx_validate_torsion.auth_seq_id     30 
_pdbx_validate_torsion.PDB_ins_code    ? 
_pdbx_validate_torsion.label_alt_id    ? 
_pdbx_validate_torsion.phi             75.17 
_pdbx_validate_torsion.psi             -6.44 
# 
_em_3d_fitting.entry_id          8A05 
_em_3d_fitting.id                1 
_em_3d_fitting.details           ? 
_em_3d_fitting.overall_b_value   ? 
_em_3d_fitting.ref_protocol      'AB INITIO MODEL' 
_em_3d_fitting.ref_space         REAL 
_em_3d_fitting.target_criteria   ? 
_em_3d_fitting.method            ? 
# 
_em_3d_reconstruction.entry_id                    8A05 
_em_3d_reconstruction.id                          1 
_em_3d_reconstruction.algorithm                   ? 
_em_3d_reconstruction.details                     ? 
_em_3d_reconstruction.refinement_type             ? 
_em_3d_reconstruction.image_processing_id         1 
_em_3d_reconstruction.num_class_averages          ? 
_em_3d_reconstruction.num_particles               18122 
_em_3d_reconstruction.resolution                  3.4 
_em_3d_reconstruction.resolution_method           'FSC 0.143 CUT-OFF' 
_em_3d_reconstruction.symmetry_type               POINT 
_em_3d_reconstruction.method                      ? 
_em_3d_reconstruction.nominal_pixel_size          ? 
_em_3d_reconstruction.actual_pixel_size           ? 
_em_3d_reconstruction.magnification_calibration   ? 
# 
_em_buffer.id            1 
_em_buffer.details       ? 
_em_buffer.pH            7.2 
_em_buffer.specimen_id   1 
_em_buffer.name          ? 
# 
_em_entity_assembly.id                   1 
_em_entity_assembly.parent_id            0 
_em_entity_assembly.details              ? 
_em_entity_assembly.name                 unidentified 
_em_entity_assembly.source               NATURAL 
_em_entity_assembly.type                 VIRUS 
_em_entity_assembly.entity_id_list       '1, 2' 
_em_entity_assembly.synonym              ? 
_em_entity_assembly.oligomeric_details   ? 
# 
_em_imaging.id                              1 
_em_imaging.entry_id                        8A05 
_em_imaging.accelerating_voltage            200 
_em_imaging.alignment_procedure             ? 
_em_imaging.c2_aperture_diameter            ? 
_em_imaging.calibrated_defocus_max          ? 
_em_imaging.calibrated_defocus_min          ? 
_em_imaging.calibrated_magnification        ? 
_em_imaging.cryogen                         ? 
_em_imaging.details                         ? 
_em_imaging.electron_source                 'FIELD EMISSION GUN' 
_em_imaging.illumination_mode               'FLOOD BEAM' 
_em_imaging.microscope_model                'FEI TECNAI ARCTICA' 
_em_imaging.mode                            'BRIGHT FIELD' 
_em_imaging.nominal_cs                      ? 
_em_imaging.nominal_defocus_max             2200 
_em_imaging.nominal_defocus_min             300 
_em_imaging.nominal_magnification           ? 
_em_imaging.recording_temperature_maximum   ? 
_em_imaging.recording_temperature_minimum   ? 
_em_imaging.residual_tilt                   ? 
_em_imaging.specimen_holder_model           ? 
_em_imaging.specimen_id                     1 
_em_imaging.citation_id                     ? 
_em_imaging.date                            ? 
_em_imaging.temperature                     ? 
_em_imaging.tilt_angle_min                  ? 
_em_imaging.tilt_angle_max                  ? 
_em_imaging.astigmatism                     ? 
_em_imaging.detector_distance               ? 
_em_imaging.electron_beam_tilt_params       ? 
_em_imaging.specimen_holder_type            ? 
# 
_em_virus_entity.entity_assembly_id    1 
_em_virus_entity.empty                 NO 
_em_virus_entity.enveloped             YES 
_em_virus_entity.virus_isolate         SPECIES 
_em_virus_entity.virus_type            VIRION 
_em_virus_entity.id                    1 
_em_virus_entity.virus_host_category   ? 
_em_virus_entity.details               ? 
# 
_em_vitrification.id                    1 
_em_vitrification.specimen_id           1 
_em_vitrification.chamber_temperature   ? 
_em_vitrification.cryogen_name          ETHANE 
_em_vitrification.details               ? 
_em_vitrification.humidity              ? 
_em_vitrification.instrument            ? 
_em_vitrification.entry_id              8A05 
_em_vitrification.citation_id           ? 
_em_vitrification.method                ? 
_em_vitrification.temp                  ? 
_em_vitrification.time_resolved_state   ? 
# 
_em_experiment.entry_id                8A05 
_em_experiment.id                      1 
_em_experiment.aggregation_state       PARTICLE 
_em_experiment.reconstruction_method   'SINGLE PARTICLE' 
_em_experiment.entity_assembly_id      1 
# 
_em_single_particle_entity.entry_id              8A05 
_em_single_particle_entity.id                    1 
_em_single_particle_entity.image_processing_id   1 
_em_single_particle_entity.point_symmetry        C5 
# 
loop_
_chem_comp_atom.comp_id 
_chem_comp_atom.atom_id 
_chem_comp_atom.type_symbol 
_chem_comp_atom.pdbx_aromatic_flag 
_chem_comp_atom.pdbx_stereo_config 
_chem_comp_atom.pdbx_ordinal 
ALA N    N N N 1   
ALA CA   C N S 2   
ALA C    C N N 3   
ALA O    O N N 4   
ALA CB   C N N 5   
ALA OXT  O N N 6   
ALA H    H N N 7   
ALA H2   H N N 8   
ALA HA   H N N 9   
ALA HB1  H N N 10  
ALA HB2  H N N 11  
ALA HB3  H N N 12  
ALA HXT  H N N 13  
ARG N    N N N 14  
ARG CA   C N S 15  
ARG C    C N N 16  
ARG O    O N N 17  
ARG CB   C N N 18  
ARG CG   C N N 19  
ARG CD   C N N 20  
ARG NE   N N N 21  
ARG CZ   C N N 22  
ARG NH1  N N N 23  
ARG NH2  N N N 24  
ARG OXT  O N N 25  
ARG H    H N N 26  
ARG H2   H N N 27  
ARG HA   H N N 28  
ARG HB2  H N N 29  
ARG HB3  H N N 30  
ARG HG2  H N N 31  
ARG HG3  H N N 32  
ARG HD2  H N N 33  
ARG HD3  H N N 34  
ARG HE   H N N 35  
ARG HH11 H N N 36  
ARG HH12 H N N 37  
ARG HH21 H N N 38  
ARG HH22 H N N 39  
ARG HXT  H N N 40  
ASN N    N N N 41  
ASN CA   C N S 42  
ASN C    C N N 43  
ASN O    O N N 44  
ASN CB   C N N 45  
ASN CG   C N N 46  
ASN OD1  O N N 47  
ASN ND2  N N N 48  
ASN OXT  O N N 49  
ASN H    H N N 50  
ASN H2   H N N 51  
ASN HA   H N N 52  
ASN HB2  H N N 53  
ASN HB3  H N N 54  
ASN HD21 H N N 55  
ASN HD22 H N N 56  
ASN HXT  H N N 57  
ASP N    N N N 58  
ASP CA   C N S 59  
ASP C    C N N 60  
ASP O    O N N 61  
ASP CB   C N N 62  
ASP CG   C N N 63  
ASP OD1  O N N 64  
ASP OD2  O N N 65  
ASP OXT  O N N 66  
ASP H    H N N 67  
ASP H2   H N N 68  
ASP HA   H N N 69  
ASP HB2  H N N 70  
ASP HB3  H N N 71  
ASP HD2  H N N 72  
ASP HXT  H N N 73  
GLN N    N N N 74  
GLN CA   C N S 75  
GLN C    C N N 76  
GLN O    O N N 77  
GLN CB   C N N 78  
GLN CG   C N N 79  
GLN CD   C N N 80  
GLN OE1  O N N 81  
GLN NE2  N N N 82  
GLN OXT  O N N 83  
GLN H    H N N 84  
GLN H2   H N N 85  
GLN HA   H N N 86  
GLN HB2  H N N 87  
GLN HB3  H N N 88  
GLN HG2  H N N 89  
GLN HG3  H N N 90  
GLN HE21 H N N 91  
GLN HE22 H N N 92  
GLN HXT  H N N 93  
GLU N    N N N 94  
GLU CA   C N S 95  
GLU C    C N N 96  
GLU O    O N N 97  
GLU CB   C N N 98  
GLU CG   C N N 99  
GLU CD   C N N 100 
GLU OE1  O N N 101 
GLU OE2  O N N 102 
GLU OXT  O N N 103 
GLU H    H N N 104 
GLU H2   H N N 105 
GLU HA   H N N 106 
GLU HB2  H N N 107 
GLU HB3  H N N 108 
GLU HG2  H N N 109 
GLU HG3  H N N 110 
GLU HE2  H N N 111 
GLU HXT  H N N 112 
GLY N    N N N 113 
GLY CA   C N N 114 
GLY C    C N N 115 
GLY O    O N N 116 
GLY OXT  O N N 117 
GLY H    H N N 118 
GLY H2   H N N 119 
GLY HA2  H N N 120 
GLY HA3  H N N 121 
GLY HXT  H N N 122 
ILE N    N N N 123 
ILE CA   C N S 124 
ILE C    C N N 125 
ILE O    O N N 126 
ILE CB   C N S 127 
ILE CG1  C N N 128 
ILE CG2  C N N 129 
ILE CD1  C N N 130 
ILE OXT  O N N 131 
ILE H    H N N 132 
ILE H2   H N N 133 
ILE HA   H N N 134 
ILE HB   H N N 135 
ILE HG12 H N N 136 
ILE HG13 H N N 137 
ILE HG21 H N N 138 
ILE HG22 H N N 139 
ILE HG23 H N N 140 
ILE HD11 H N N 141 
ILE HD12 H N N 142 
ILE HD13 H N N 143 
ILE HXT  H N N 144 
LEU N    N N N 145 
LEU CA   C N S 146 
LEU C    C N N 147 
LEU O    O N N 148 
LEU CB   C N N 149 
LEU CG   C N N 150 
LEU CD1  C N N 151 
LEU CD2  C N N 152 
LEU OXT  O N N 153 
LEU H    H N N 154 
LEU H2   H N N 155 
LEU HA   H N N 156 
LEU HB2  H N N 157 
LEU HB3  H N N 158 
LEU HG   H N N 159 
LEU HD11 H N N 160 
LEU HD12 H N N 161 
LEU HD13 H N N 162 
LEU HD21 H N N 163 
LEU HD22 H N N 164 
LEU HD23 H N N 165 
LEU HXT  H N N 166 
LYS N    N N N 167 
LYS CA   C N S 168 
LYS C    C N N 169 
LYS O    O N N 170 
LYS CB   C N N 171 
LYS CG   C N N 172 
LYS CD   C N N 173 
LYS CE   C N N 174 
LYS NZ   N N N 175 
LYS OXT  O N N 176 
LYS H    H N N 177 
LYS H2   H N N 178 
LYS HA   H N N 179 
LYS HB2  H N N 180 
LYS HB3  H N N 181 
LYS HG2  H N N 182 
LYS HG3  H N N 183 
LYS HD2  H N N 184 
LYS HD3  H N N 185 
LYS HE2  H N N 186 
LYS HE3  H N N 187 
LYS HZ1  H N N 188 
LYS HZ2  H N N 189 
LYS HZ3  H N N 190 
LYS HXT  H N N 191 
MET N    N N N 192 
MET CA   C N S 193 
MET C    C N N 194 
MET O    O N N 195 
MET CB   C N N 196 
MET CG   C N N 197 
MET SD   S N N 198 
MET CE   C N N 199 
MET OXT  O N N 200 
MET H    H N N 201 
MET H2   H N N 202 
MET HA   H N N 203 
MET HB2  H N N 204 
MET HB3  H N N 205 
MET HG2  H N N 206 
MET HG3  H N N 207 
MET HE1  H N N 208 
MET HE2  H N N 209 
MET HE3  H N N 210 
MET HXT  H N N 211 
PHE N    N N N 212 
PHE CA   C N S 213 
PHE C    C N N 214 
PHE O    O N N 215 
PHE CB   C N N 216 
PHE CG   C Y N 217 
PHE CD1  C Y N 218 
PHE CD2  C Y N 219 
PHE CE1  C Y N 220 
PHE CE2  C Y N 221 
PHE CZ   C Y N 222 
PHE OXT  O N N 223 
PHE H    H N N 224 
PHE H2   H N N 225 
PHE HA   H N N 226 
PHE HB2  H N N 227 
PHE HB3  H N N 228 
PHE HD1  H N N 229 
PHE HD2  H N N 230 
PHE HE1  H N N 231 
PHE HE2  H N N 232 
PHE HZ   H N N 233 
PHE HXT  H N N 234 
PRO N    N N N 235 
PRO CA   C N S 236 
PRO C    C N N 237 
PRO O    O N N 238 
PRO CB   C N N 239 
PRO CG   C N N 240 
PRO CD   C N N 241 
PRO OXT  O N N 242 
PRO H    H N N 243 
PRO HA   H N N 244 
PRO HB2  H N N 245 
PRO HB3  H N N 246 
PRO HG2  H N N 247 
PRO HG3  H N N 248 
PRO HD2  H N N 249 
PRO HD3  H N N 250 
PRO HXT  H N N 251 
SER N    N N N 252 
SER CA   C N S 253 
SER C    C N N 254 
SER O    O N N 255 
SER CB   C N N 256 
SER OG   O N N 257 
SER OXT  O N N 258 
SER H    H N N 259 
SER H2   H N N 260 
SER HA   H N N 261 
SER HB2  H N N 262 
SER HB3  H N N 263 
SER HG   H N N 264 
SER HXT  H N N 265 
THR N    N N N 266 
THR CA   C N S 267 
THR C    C N N 268 
THR O    O N N 269 
THR CB   C N R 270 
THR OG1  O N N 271 
THR CG2  C N N 272 
THR OXT  O N N 273 
THR H    H N N 274 
THR H2   H N N 275 
THR HA   H N N 276 
THR HB   H N N 277 
THR HG1  H N N 278 
THR HG21 H N N 279 
THR HG22 H N N 280 
THR HG23 H N N 281 
THR HXT  H N N 282 
TYR N    N N N 283 
TYR CA   C N S 284 
TYR C    C N N 285 
TYR O    O N N 286 
TYR CB   C N N 287 
TYR CG   C Y N 288 
TYR CD1  C Y N 289 
TYR CD2  C Y N 290 
TYR CE1  C Y N 291 
TYR CE2  C Y N 292 
TYR CZ   C Y N 293 
TYR OH   O N N 294 
TYR OXT  O N N 295 
TYR H    H N N 296 
TYR H2   H N N 297 
TYR HA   H N N 298 
TYR HB2  H N N 299 
TYR HB3  H N N 300 
TYR HD1  H N N 301 
TYR HD2  H N N 302 
TYR HE1  H N N 303 
TYR HE2  H N N 304 
TYR HH   H N N 305 
TYR HXT  H N N 306 
VAL N    N N N 307 
VAL CA   C N S 308 
VAL C    C N N 309 
VAL O    O N N 310 
VAL CB   C N N 311 
VAL CG1  C N N 312 
VAL CG2  C N N 313 
VAL OXT  O N N 314 
VAL H    H N N 315 
VAL H2   H N N 316 
VAL HA   H N N 317 
VAL HB   H N N 318 
VAL HG11 H N N 319 
VAL HG12 H N N 320 
VAL HG13 H N N 321 
VAL HG21 H N N 322 
VAL HG22 H N N 323 
VAL HG23 H N N 324 
VAL HXT  H N N 325 
# 
loop_
_chem_comp_bond.comp_id 
_chem_comp_bond.atom_id_1 
_chem_comp_bond.atom_id_2 
_chem_comp_bond.value_order 
_chem_comp_bond.pdbx_aromatic_flag 
_chem_comp_bond.pdbx_stereo_config 
_chem_comp_bond.pdbx_ordinal 
ALA N   CA   sing N N 1   
ALA N   H    sing N N 2   
ALA N   H2   sing N N 3   
ALA CA  C    sing N N 4   
ALA CA  CB   sing N N 5   
ALA CA  HA   sing N N 6   
ALA C   O    doub N N 7   
ALA C   OXT  sing N N 8   
ALA CB  HB1  sing N N 9   
ALA CB  HB2  sing N N 10  
ALA CB  HB3  sing N N 11  
ALA OXT HXT  sing N N 12  
ARG N   CA   sing N N 13  
ARG N   H    sing N N 14  
ARG N   H2   sing N N 15  
ARG CA  C    sing N N 16  
ARG CA  CB   sing N N 17  
ARG CA  HA   sing N N 18  
ARG C   O    doub N N 19  
ARG C   OXT  sing N N 20  
ARG CB  CG   sing N N 21  
ARG CB  HB2  sing N N 22  
ARG CB  HB3  sing N N 23  
ARG CG  CD   sing N N 24  
ARG CG  HG2  sing N N 25  
ARG CG  HG3  sing N N 26  
ARG CD  NE   sing N N 27  
ARG CD  HD2  sing N N 28  
ARG CD  HD3  sing N N 29  
ARG NE  CZ   sing N N 30  
ARG NE  HE   sing N N 31  
ARG CZ  NH1  sing N N 32  
ARG CZ  NH2  doub N N 33  
ARG NH1 HH11 sing N N 34  
ARG NH1 HH12 sing N N 35  
ARG NH2 HH21 sing N N 36  
ARG NH2 HH22 sing N N 37  
ARG OXT HXT  sing N N 38  
ASN N   CA   sing N N 39  
ASN N   H    sing N N 40  
ASN N   H2   sing N N 41  
ASN CA  C    sing N N 42  
ASN CA  CB   sing N N 43  
ASN CA  HA   sing N N 44  
ASN C   O    doub N N 45  
ASN C   OXT  sing N N 46  
ASN CB  CG   sing N N 47  
ASN CB  HB2  sing N N 48  
ASN CB  HB3  sing N N 49  
ASN CG  OD1  doub N N 50  
ASN CG  ND2  sing N N 51  
ASN ND2 HD21 sing N N 52  
ASN ND2 HD22 sing N N 53  
ASN OXT HXT  sing N N 54  
ASP N   CA   sing N N 55  
ASP N   H    sing N N 56  
ASP N   H2   sing N N 57  
ASP CA  C    sing N N 58  
ASP CA  CB   sing N N 59  
ASP CA  HA   sing N N 60  
ASP C   O    doub N N 61  
ASP C   OXT  sing N N 62  
ASP CB  CG   sing N N 63  
ASP CB  HB2  sing N N 64  
ASP CB  HB3  sing N N 65  
ASP CG  OD1  doub N N 66  
ASP CG  OD2  sing N N 67  
ASP OD2 HD2  sing N N 68  
ASP OXT HXT  sing N N 69  
GLN N   CA   sing N N 70  
GLN N   H    sing N N 71  
GLN N   H2   sing N N 72  
GLN CA  C    sing N N 73  
GLN CA  CB   sing N N 74  
GLN CA  HA   sing N N 75  
GLN C   O    doub N N 76  
GLN C   OXT  sing N N 77  
GLN CB  CG   sing N N 78  
GLN CB  HB2  sing N N 79  
GLN CB  HB3  sing N N 80  
GLN CG  CD   sing N N 81  
GLN CG  HG2  sing N N 82  
GLN CG  HG3  sing N N 83  
GLN CD  OE1  doub N N 84  
GLN CD  NE2  sing N N 85  
GLN NE2 HE21 sing N N 86  
GLN NE2 HE22 sing N N 87  
GLN OXT HXT  sing N N 88  
GLU N   CA   sing N N 89  
GLU N   H    sing N N 90  
GLU N   H2   sing N N 91  
GLU CA  C    sing N N 92  
GLU CA  CB   sing N N 93  
GLU CA  HA   sing N N 94  
GLU C   O    doub N N 95  
GLU C   OXT  sing N N 96  
GLU CB  CG   sing N N 97  
GLU CB  HB2  sing N N 98  
GLU CB  HB3  sing N N 99  
GLU CG  CD   sing N N 100 
GLU CG  HG2  sing N N 101 
GLU CG  HG3  sing N N 102 
GLU CD  OE1  doub N N 103 
GLU CD  OE2  sing N N 104 
GLU OE2 HE2  sing N N 105 
GLU OXT HXT  sing N N 106 
GLY N   CA   sing N N 107 
GLY N   H    sing N N 108 
GLY N   H2   sing N N 109 
GLY CA  C    sing N N 110 
GLY CA  HA2  sing N N 111 
GLY CA  HA3  sing N N 112 
GLY C   O    doub N N 113 
GLY C   OXT  sing N N 114 
GLY OXT HXT  sing N N 115 
ILE N   CA   sing N N 116 
ILE N   H    sing N N 117 
ILE N   H2   sing N N 118 
ILE CA  C    sing N N 119 
ILE CA  CB   sing N N 120 
ILE CA  HA   sing N N 121 
ILE C   O    doub N N 122 
ILE C   OXT  sing N N 123 
ILE CB  CG1  sing N N 124 
ILE CB  CG2  sing N N 125 
ILE CB  HB   sing N N 126 
ILE CG1 CD1  sing N N 127 
ILE CG1 HG12 sing N N 128 
ILE CG1 HG13 sing N N 129 
ILE CG2 HG21 sing N N 130 
ILE CG2 HG22 sing N N 131 
ILE CG2 HG23 sing N N 132 
ILE CD1 HD11 sing N N 133 
ILE CD1 HD12 sing N N 134 
ILE CD1 HD13 sing N N 135 
ILE OXT HXT  sing N N 136 
LEU N   CA   sing N N 137 
LEU N   H    sing N N 138 
LEU N   H2   sing N N 139 
LEU CA  C    sing N N 140 
LEU CA  CB   sing N N 141 
LEU CA  HA   sing N N 142 
LEU C   O    doub N N 143 
LEU C   OXT  sing N N 144 
LEU CB  CG   sing N N 145 
LEU CB  HB2  sing N N 146 
LEU CB  HB3  sing N N 147 
LEU CG  CD1  sing N N 148 
LEU CG  CD2  sing N N 149 
LEU CG  HG   sing N N 150 
LEU CD1 HD11 sing N N 151 
LEU CD1 HD12 sing N N 152 
LEU CD1 HD13 sing N N 153 
LEU CD2 HD21 sing N N 154 
LEU CD2 HD22 sing N N 155 
LEU CD2 HD23 sing N N 156 
LEU OXT HXT  sing N N 157 
LYS N   CA   sing N N 158 
LYS N   H    sing N N 159 
LYS N   H2   sing N N 160 
LYS CA  C    sing N N 161 
LYS CA  CB   sing N N 162 
LYS CA  HA   sing N N 163 
LYS C   O    doub N N 164 
LYS C   OXT  sing N N 165 
LYS CB  CG   sing N N 166 
LYS CB  HB2  sing N N 167 
LYS CB  HB3  sing N N 168 
LYS CG  CD   sing N N 169 
LYS CG  HG2  sing N N 170 
LYS CG  HG3  sing N N 171 
LYS CD  CE   sing N N 172 
LYS CD  HD2  sing N N 173 
LYS CD  HD3  sing N N 174 
LYS CE  NZ   sing N N 175 
LYS CE  HE2  sing N N 176 
LYS CE  HE3  sing N N 177 
LYS NZ  HZ1  sing N N 178 
LYS NZ  HZ2  sing N N 179 
LYS NZ  HZ3  sing N N 180 
LYS OXT HXT  sing N N 181 
MET N   CA   sing N N 182 
MET N   H    sing N N 183 
MET N   H2   sing N N 184 
MET CA  C    sing N N 185 
MET CA  CB   sing N N 186 
MET CA  HA   sing N N 187 
MET C   O    doub N N 188 
MET C   OXT  sing N N 189 
MET CB  CG   sing N N 190 
MET CB  HB2  sing N N 191 
MET CB  HB3  sing N N 192 
MET CG  SD   sing N N 193 
MET CG  HG2  sing N N 194 
MET CG  HG3  sing N N 195 
MET SD  CE   sing N N 196 
MET CE  HE1  sing N N 197 
MET CE  HE2  sing N N 198 
MET CE  HE3  sing N N 199 
MET OXT HXT  sing N N 200 
PHE N   CA   sing N N 201 
PHE N   H    sing N N 202 
PHE N   H2   sing N N 203 
PHE CA  C    sing N N 204 
PHE CA  CB   sing N N 205 
PHE CA  HA   sing N N 206 
PHE C   O    doub N N 207 
PHE C   OXT  sing N N 208 
PHE CB  CG   sing N N 209 
PHE CB  HB2  sing N N 210 
PHE CB  HB3  sing N N 211 
PHE CG  CD1  doub Y N 212 
PHE CG  CD2  sing Y N 213 
PHE CD1 CE1  sing Y N 214 
PHE CD1 HD1  sing N N 215 
PHE CD2 CE2  doub Y N 216 
PHE CD2 HD2  sing N N 217 
PHE CE1 CZ   doub Y N 218 
PHE CE1 HE1  sing N N 219 
PHE CE2 CZ   sing Y N 220 
PHE CE2 HE2  sing N N 221 
PHE CZ  HZ   sing N N 222 
PHE OXT HXT  sing N N 223 
PRO N   CA   sing N N 224 
PRO N   CD   sing N N 225 
PRO N   H    sing N N 226 
PRO CA  C    sing N N 227 
PRO CA  CB   sing N N 228 
PRO CA  HA   sing N N 229 
PRO C   O    doub N N 230 
PRO C   OXT  sing N N 231 
PRO CB  CG   sing N N 232 
PRO CB  HB2  sing N N 233 
PRO CB  HB3  sing N N 234 
PRO CG  CD   sing N N 235 
PRO CG  HG2  sing N N 236 
PRO CG  HG3  sing N N 237 
PRO CD  HD2  sing N N 238 
PRO CD  HD3  sing N N 239 
PRO OXT HXT  sing N N 240 
SER N   CA   sing N N 241 
SER N   H    sing N N 242 
SER N   H2   sing N N 243 
SER CA  C    sing N N 244 
SER CA  CB   sing N N 245 
SER CA  HA   sing N N 246 
SER C   O    doub N N 247 
SER C   OXT  sing N N 248 
SER CB  OG   sing N N 249 
SER CB  HB2  sing N N 250 
SER CB  HB3  sing N N 251 
SER OG  HG   sing N N 252 
SER OXT HXT  sing N N 253 
THR N   CA   sing N N 254 
THR N   H    sing N N 255 
THR N   H2   sing N N 256 
THR CA  C    sing N N 257 
THR CA  CB   sing N N 258 
THR CA  HA   sing N N 259 
THR C   O    doub N N 260 
THR C   OXT  sing N N 261 
THR CB  OG1  sing N N 262 
THR CB  CG2  sing N N 263 
THR CB  HB   sing N N 264 
THR OG1 HG1  sing N N 265 
THR CG2 HG21 sing N N 266 
THR CG2 HG22 sing N N 267 
THR CG2 HG23 sing N N 268 
THR OXT HXT  sing N N 269 
TYR N   CA   sing N N 270 
TYR N   H    sing N N 271 
TYR N   H2   sing N N 272 
TYR CA  C    sing N N 273 
TYR CA  CB   sing N N 274 
TYR CA  HA   sing N N 275 
TYR C   O    doub N N 276 
TYR C   OXT  sing N N 277 
TYR CB  CG   sing N N 278 
TYR CB  HB2  sing N N 279 
TYR CB  HB3  sing N N 280 
TYR CG  CD1  doub Y N 281 
TYR CG  CD2  sing Y N 282 
TYR CD1 CE1  sing Y N 283 
TYR CD1 HD1  sing N N 284 
TYR CD2 CE2  doub Y N 285 
TYR CD2 HD2  sing N N 286 
TYR CE1 CZ   doub Y N 287 
TYR CE1 HE1  sing N N 288 
TYR CE2 CZ   sing Y N 289 
TYR CE2 HE2  sing N N 290 
TYR CZ  OH   sing N N 291 
TYR OH  HH   sing N N 292 
TYR OXT HXT  sing N N 293 
VAL N   CA   sing N N 294 
VAL N   H    sing N N 295 
VAL N   H2   sing N N 296 
VAL CA  C    sing N N 297 
VAL CA  CB   sing N N 298 
VAL CA  HA   sing N N 299 
VAL C   O    doub N N 300 
VAL C   OXT  sing N N 301 
VAL CB  CG1  sing N N 302 
VAL CB  CG2  sing N N 303 
VAL CB  HB   sing N N 304 
VAL CG1 HG11 sing N N 305 
VAL CG1 HG12 sing N N 306 
VAL CG1 HG13 sing N N 307 
VAL CG2 HG21 sing N N 308 
VAL CG2 HG22 sing N N 309 
VAL CG2 HG23 sing N N 310 
VAL OXT HXT  sing N N 311 
# 
_em_admin.entry_id           8A05 
_em_admin.current_status     REL 
_em_admin.deposition_date    2022-05-26 
_em_admin.deposition_site    PDBE 
_em_admin.last_update        2024-07-24 
_em_admin.map_release_date   2022-12-14 
_em_admin.title              'Localized reconstruction of bacteriophage phiCjT23 vertex' 
# 
_em_ctf_correction.id                       1 
_em_ctf_correction.em_image_processing_id   1 
_em_ctf_correction.type                     'PHASE FLIPPING AND AMPLITUDE CORRECTION' 
_em_ctf_correction.details                  ? 
# 
_em_entity_assembly_molwt.entity_assembly_id   1 
_em_entity_assembly_molwt.id                   1 
_em_entity_assembly_molwt.experimental_flag    NO 
_em_entity_assembly_molwt.units                ? 
_em_entity_assembly_molwt.value                ? 
# 
_em_entity_assembly_naturalsource.id                   2 
_em_entity_assembly_naturalsource.entity_assembly_id   1 
_em_entity_assembly_naturalsource.cell                 ? 
_em_entity_assembly_naturalsource.cellular_location    ? 
_em_entity_assembly_naturalsource.ncbi_tax_id          32644 
_em_entity_assembly_naturalsource.organ                ? 
_em_entity_assembly_naturalsource.organelle            ? 
_em_entity_assembly_naturalsource.organism             unidentified 
_em_entity_assembly_naturalsource.strain               ? 
_em_entity_assembly_naturalsource.tissue               ? 
# 
_em_image_processing.id                   1 
_em_image_processing.image_recording_id   1 
_em_image_processing.details              ? 
# 
_em_image_recording.id                                  1 
_em_image_recording.imaging_id                          1 
_em_image_recording.avg_electron_dose_per_image         15 
_em_image_recording.average_exposure_time               ? 
_em_image_recording.details                             ? 
_em_image_recording.detector_mode                       ? 
_em_image_recording.film_or_detector_model              'FEI FALCON III (4k x 4k)' 
_em_image_recording.num_diffraction_images              ? 
_em_image_recording.num_grids_imaged                    ? 
_em_image_recording.num_real_images                     ? 
_em_image_recording.avg_electron_dose_per_subtomogram   ? 
# 
loop_
_em_software.id 
_em_software.category 
_em_software.details 
_em_software.name 
_em_software.version 
_em_software.image_processing_id 
_em_software.fitting_id 
_em_software.imaging_id 
1  'CRYSTALLOGRAPHY MERGING'  ? ?      ? 1 1 1 
2  'IMAGE ACQUISITION'        ? ?      ? ? ? 1 
3  MASKING                    ? ?      ? ? ? ? 
4  'CTF CORRECTION'           ? ?      ? 1 ? ? 
5  'LAYERLINE INDEXING'       ? ?      ? ? ? ? 
6  'DIFFRACTION INDEXING'     ? ?      ? ? ? ? 
7  'MODEL FITTING'            ? Coot   ? ? 1 ? 
8  OTHER                      ? ?      ? ? ? ? 
9  'MODEL REFINEMENT'         ? PHENIX ? ? 1 ? 
10 'INITIAL EULER ASSIGNMENT' ? ?      ? 1 ? ? 
11 'FINAL EULER ASSIGNMENT'   ? ?      ? 1 ? ? 
12 CLASSIFICATION             ? ?      ? 1 ? ? 
13 RECONSTRUCTION             ? ?      ? 1 ? ? 
# 
_em_specimen.id                      1 
_em_specimen.experiment_id           1 
_em_specimen.concentration           ? 
_em_specimen.details                 ? 
_em_specimen.embedding_applied       NO 
_em_specimen.shadowing_applied       NO 
_em_specimen.staining_applied        NO 
_em_specimen.vitrification_applied   YES 
# 
_em_virus_natural_host.id                   1 
_em_virus_natural_host.entity_assembly_id   1 
_em_virus_natural_host.ncbi_tax_id          376686 
_em_virus_natural_host.organism             'Flavobacterium johnsoniae UW101' 
_em_virus_natural_host.strain               ? 
# 
_em_virus_shell.id                   1 
_em_virus_shell.entity_assembly_id   1 
_em_virus_shell.diameter             600 
_em_virus_shell.name                 Capsid 
_em_virus_shell.triangulation        21 
# 
_pdbx_audit_support.funding_organization   'Not funded' 
_pdbx_audit_support.country                ? 
_pdbx_audit_support.grant_number           ? 
_pdbx_audit_support.ordinal                1 
# 
_atom_sites.entry_id                    8A05 
_atom_sites.Cartn_transf_matrix[1][1]   ? 
_atom_sites.Cartn_transf_matrix[1][2]   ? 
_atom_sites.Cartn_transf_matrix[1][3]   ? 
_atom_sites.Cartn_transf_matrix[2][1]   ? 
_atom_sites.Cartn_transf_matrix[2][2]   ? 
_atom_sites.Cartn_transf_matrix[2][3]   ? 
_atom_sites.Cartn_transf_matrix[3][1]   ? 
_atom_sites.Cartn_transf_matrix[3][2]   ? 
_atom_sites.Cartn_transf_matrix[3][3]   ? 
_atom_sites.Cartn_transf_vector[1]      ? 
_atom_sites.Cartn_transf_vector[2]      ? 
_atom_sites.Cartn_transf_vector[3]      ? 
_atom_sites.fract_transf_matrix[1][1]   1.000000 
_atom_sites.fract_transf_matrix[1][2]   0.000000 
_atom_sites.fract_transf_matrix[1][3]   0.000000 
_atom_sites.fract_transf_matrix[2][1]   0.000000 
_atom_sites.fract_transf_matrix[2][2]   1.000000 
_atom_sites.fract_transf_matrix[2][3]   0.000000 
_atom_sites.fract_transf_matrix[3][1]   0.000000 
_atom_sites.fract_transf_matrix[3][2]   0.000000 
_atom_sites.fract_transf_matrix[3][3]   1.000000 
_atom_sites.fract_transf_vector[1]      0.00000 
_atom_sites.fract_transf_vector[2]      0.00000 
_atom_sites.fract_transf_vector[3]      0.00000 
_atom_sites.solution_primary            ? 
_atom_sites.solution_secondary          ? 
_atom_sites.solution_hydrogens          ? 
_atom_sites.special_details             ? 
# 
loop_
_atom_type.symbol 
C 
N 
O 
S 
# 
loop_
_atom_site.group_PDB 
_atom_site.id 
_atom_site.type_symbol 
_atom_site.label_atom_id 
_atom_site.label_alt_id 
_atom_site.label_comp_id 
_atom_site.label_asym_id 
_atom_site.label_entity_id 
_atom_site.label_seq_id 
_atom_site.pdbx_PDB_ins_code 
_atom_site.Cartn_x 
_atom_site.Cartn_y 
_atom_site.Cartn_z 
_atom_site.occupancy 
_atom_site.B_iso_or_equiv 
_atom_site.pdbx_formal_charge 
_atom_site.auth_seq_id 
_atom_site.auth_comp_id 
_atom_site.auth_asym_id 
_atom_site.auth_atom_id 
_atom_site.pdbx_PDB_model_num 
ATOM 1   N N   . MET A 1 1  ? -6.939  -10.819 10.584  1.00 48.74 ? 1  MET P N   1 
ATOM 2   C CA  . MET A 1 1  ? -5.929  -9.770  10.650  1.00 48.74 ? 1  MET P CA  1 
ATOM 3   C C   . MET A 1 1  ? -5.668  -9.172  9.273   1.00 48.74 ? 1  MET P C   1 
ATOM 4   O O   . MET A 1 1  ? -5.107  -9.827  8.397   1.00 48.74 ? 1  MET P O   1 
ATOM 5   C CB  . MET A 1 1  ? -4.629  -10.316 11.241  1.00 48.74 ? 1  MET P CB  1 
ATOM 6   C CG  . MET A 1 1  ? -4.733  -10.707 12.706  1.00 48.74 ? 1  MET P CG  1 
ATOM 7   S SD  . MET A 1 1  ? -3.185  -11.354 13.366  1.00 48.74 ? 1  MET P SD  1 
ATOM 8   C CE  . MET A 1 1  ? -3.683  -11.791 15.029  1.00 48.74 ? 1  MET P CE  1 
ATOM 9   N N   . ASN A 1 2  ? -6.082  -7.921  9.090   1.00 43.04 ? 2  ASN P N   1 
ATOM 10  C CA  . ASN A 1 2  ? -5.889  -7.199  7.841   1.00 43.04 ? 2  ASN P CA  1 
ATOM 11  C C   . ASN A 1 2  ? -4.772  -6.181  8.022   1.00 43.04 ? 2  ASN P C   1 
ATOM 12  O O   . ASN A 1 2  ? -4.814  -5.369  8.953   1.00 43.04 ? 2  ASN P O   1 
ATOM 13  C CB  . ASN A 1 2  ? -7.181  -6.500  7.416   1.00 43.04 ? 2  ASN P CB  1 
ATOM 14  C CG  . ASN A 1 2  ? -8.361  -7.446  7.357   1.00 43.04 ? 2  ASN P CG  1 
ATOM 15  O OD1 . ASN A 1 2  ? -8.196  -8.666  7.383   1.00 43.04 ? 2  ASN P OD1 1 
ATOM 16  N ND2 . ASN A 1 2  ? -9.564  -6.889  7.287   1.00 43.04 ? 2  ASN P ND2 1 
ATOM 17  N N   . PHE A 1 3  ? -3.778  -6.222  7.137   1.00 38.21 ? 3  PHE P N   1 
ATOM 18  C CA  . PHE A 1 3  ? -2.625  -5.345  7.291   1.00 38.21 ? 3  PHE P CA  1 
ATOM 19  C C   . PHE A 1 3  ? -1.986  -5.084  5.936   1.00 38.21 ? 3  PHE P C   1 
ATOM 20  O O   . PHE A 1 3  ? -2.099  -5.882  5.006   1.00 38.21 ? 3  PHE P O   1 
ATOM 21  C CB  . PHE A 1 3  ? -1.598  -5.938  8.265   1.00 38.21 ? 3  PHE P CB  1 
ATOM 22  C CG  . PHE A 1 3  ? -1.120  -7.312  7.887   1.00 38.21 ? 3  PHE P CG  1 
ATOM 23  C CD1 . PHE A 1 3  ? -1.821  -8.437  8.285   1.00 38.21 ? 3  PHE P CD1 1 
ATOM 24  C CD2 . PHE A 1 3  ? 0.032   -7.479  7.140   1.00 38.21 ? 3  PHE P CD2 1 
ATOM 25  C CE1 . PHE A 1 3  ? -1.384  -9.700  7.942   1.00 38.21 ? 3  PHE P CE1 1 
ATOM 26  C CE2 . PHE A 1 3  ? 0.474   -8.740  6.794   1.00 38.21 ? 3  PHE P CE2 1 
ATOM 27  C CZ  . PHE A 1 3  ? -0.235  -9.851  7.195   1.00 38.21 ? 3  PHE P CZ  1 
ATOM 28  N N   . ILE A 1 4  ? -1.279  -3.964  5.848   1.00 37.65 ? 4  ILE P N   1 
ATOM 29  C CA  . ILE A 1 4  ? -0.642  -3.547  4.608   1.00 37.65 ? 4  ILE P CA  1 
ATOM 30  C C   . ILE A 1 4  ? 0.858   -3.422  4.828   1.00 37.65 ? 4  ILE P C   1 
ATOM 31  O O   . ILE A 1 4  ? 1.329   -2.988  5.886   1.00 37.65 ? 4  ILE P O   1 
ATOM 32  C CB  . ILE A 1 4  ? -1.225  -2.220  4.075   1.00 37.65 ? 4  ILE P CB  1 
ATOM 33  C CG1 . ILE A 1 4  ? -1.092  -1.115  5.124   1.00 37.65 ? 4  ILE P CG1 1 
ATOM 34  C CG2 . ILE A 1 4  ? -2.674  -2.404  3.666   1.00 37.65 ? 4  ILE P CG2 1 
ATOM 35  C CD1 . ILE A 1 4  ? -0.996  0.271   4.536   1.00 37.65 ? 4  ILE P CD1 1 
ATOM 36  N N   . GLN A 1 5  ? 1.608   -3.827  3.807   1.00 35.00 ? 5  GLN P N   1 
ATOM 37  C CA  . GLN A 1 5  ? 3.051   -3.647  3.749   1.00 35.00 ? 5  GLN P CA  1 
ATOM 38  C C   . GLN A 1 5  ? 3.338   -2.436  2.875   1.00 35.00 ? 5  GLN P C   1 
ATOM 39  O O   . GLN A 1 5  ? 2.898   -2.385  1.719   1.00 35.00 ? 5  GLN P O   1 
ATOM 40  C CB  . GLN A 1 5  ? 3.734   -4.890  3.180   1.00 35.00 ? 5  GLN P CB  1 
ATOM 41  C CG  . GLN A 1 5  ? 4.333   -5.817  4.218   1.00 35.00 ? 5  GLN P CG  1 
ATOM 42  C CD  . GLN A 1 5  ? 5.349   -6.767  3.622   1.00 35.00 ? 5  GLN P CD  1 
ATOM 43  O OE1 . GLN A 1 5  ? 5.284   -7.100  2.439   1.00 35.00 ? 5  GLN P OE1 1 
ATOM 44  N NE2 . GLN A 1 5  ? 6.296   -7.211  4.438   1.00 35.00 ? 5  GLN P NE2 1 
ATOM 45  N N   . TYR A 1 6  ? 4.074   -1.469  3.424   1.00 36.03 ? 6  TYR P N   1 
ATOM 46  C CA  . TYR A 1 6  ? 4.352   -0.215  2.738   1.00 36.03 ? 6  TYR P CA  1 
ATOM 47  C C   . TYR A 1 6  ? 5.765   0.245   3.065   1.00 36.03 ? 6  TYR P C   1 
ATOM 48  O O   . TYR A 1 6  ? 6.338   -0.125  4.091   1.00 36.03 ? 6  TYR P O   1 
ATOM 49  C CB  . TYR A 1 6  ? 3.339   0.872   3.128   1.00 36.03 ? 6  TYR P CB  1 
ATOM 50  C CG  . TYR A 1 6  ? 3.558   1.445   4.511   1.00 36.03 ? 6  TYR P CG  1 
ATOM 51  C CD1 . TYR A 1 6  ? 3.104   0.778   5.640   1.00 36.03 ? 6  TYR P CD1 1 
ATOM 52  C CD2 . TYR A 1 6  ? 4.216   2.655   4.688   1.00 36.03 ? 6  TYR P CD2 1 
ATOM 53  C CE1 . TYR A 1 6  ? 3.301   1.297   6.904   1.00 36.03 ? 6  TYR P CE1 1 
ATOM 54  C CE2 . TYR A 1 6  ? 4.418   3.181   5.949   1.00 36.03 ? 6  TYR P CE2 1 
ATOM 55  C CZ  . TYR A 1 6  ? 3.958   2.498   7.052   1.00 36.03 ? 6  TYR P CZ  1 
ATOM 56  O OH  . TYR A 1 6  ? 4.157   3.020   8.309   1.00 36.03 ? 6  TYR P OH  1 
ATOM 57  N N   . ILE A 1 7  ? 6.319   1.079   2.190   1.00 36.65 ? 7  ILE P N   1 
ATOM 58  C CA  . ILE A 1 7  ? 7.658   1.627   2.367   1.00 36.65 ? 7  ILE P CA  1 
ATOM 59  C C   . ILE A 1 7  ? 7.540   3.092   2.762   1.00 36.65 ? 7  ILE P C   1 
ATOM 60  O O   . ILE A 1 7  ? 6.727   3.836   2.202   1.00 36.65 ? 7  ILE P O   1 
ATOM 61  C CB  . ILE A 1 7  ? 8.521   1.469   1.100   1.00 36.65 ? 7  ILE P CB  1 
ATOM 62  C CG1 . ILE A 1 7  ? 7.782   1.996   -0.129  1.00 36.65 ? 7  ILE P CG1 1 
ATOM 63  C CG2 . ILE A 1 7  ? 8.919   0.019   0.906   1.00 36.65 ? 7  ILE P CG2 1 
ATOM 64  C CD1 . ILE A 1 7  ? 8.684   2.226   -1.313  1.00 36.65 ? 7  ILE P CD1 1 
ATOM 65  N N   . ASP A 1 8  ? 8.347   3.500   3.737   1.00 40.42 ? 8  ASP P N   1 
ATOM 66  C CA  . ASP A 1 8  ? 8.358   4.879   4.202   1.00 40.42 ? 8  ASP P CA  1 
ATOM 67  C C   . ASP A 1 8  ? 9.204   5.730   3.256   1.00 40.42 ? 8  ASP P C   1 
ATOM 68  O O   . ASP A 1 8  ? 9.570   5.306   2.156   1.00 40.42 ? 8  ASP P O   1 
ATOM 69  C CB  . ASP A 1 8  ? 8.857   4.947   5.643   1.00 40.42 ? 8  ASP P CB  1 
ATOM 70  C CG  . ASP A 1 8  ? 10.360  4.769   5.749   1.00 40.42 ? 8  ASP P CG  1 
ATOM 71  O OD1 . ASP A 1 8  ? 10.922  3.965   4.977   1.00 40.42 ? 8  ASP P OD1 1 
ATOM 72  O OD2 . ASP A 1 8  ? 10.979  5.437   6.605   1.00 40.42 ? 8  ASP P OD2 1 
ATOM 73  N N   . ASP A 1 9  ? 9.517   6.956   3.679   1.00 43.15 ? 9  ASP P N   1 
ATOM 74  C CA  . ASP A 1 9  ? 10.312  7.852   2.845   1.00 43.15 ? 9  ASP P CA  1 
ATOM 75  C C   . ASP A 1 9  ? 11.709  7.286   2.610   1.00 43.15 ? 9  ASP P C   1 
ATOM 76  O O   . ASP A 1 9  ? 12.245  7.376   1.499   1.00 43.15 ? 9  ASP P O   1 
ATOM 77  C CB  . ASP A 1 9  ? 10.388  9.232   3.502   1.00 43.15 ? 9  ASP P CB  1 
ATOM 78  C CG  . ASP A 1 9  ? 11.016  10.286  2.603   1.00 43.15 ? 9  ASP P CG  1 
ATOM 79  O OD1 . ASP A 1 9  ? 11.429  9.960   1.471   1.00 43.15 ? 9  ASP P OD1 1 
ATOM 80  O OD2 . ASP A 1 9  ? 11.099  11.454  3.039   1.00 43.15 ? 9  ASP P OD2 1 
ATOM 81  N N   . SER A 1 10 ? 12.308  6.684   3.637   1.00 41.48 ? 10 SER P N   1 
ATOM 82  C CA  . SER A 1 10 ? 13.673  6.181   3.565   1.00 41.48 ? 10 SER P CA  1 
ATOM 83  C C   . SER A 1 10 ? 13.763  4.776   2.977   1.00 41.48 ? 10 SER P C   1 
ATOM 84  O O   . SER A 1 10 ? 14.778  4.100   3.175   1.00 41.48 ? 10 SER P O   1 
ATOM 85  C CB  . SER A 1 10 ? 14.315  6.205   4.954   1.00 41.48 ? 10 SER P CB  1 
ATOM 86  O OG  . SER A 1 10 ? 13.671  5.295   5.828   1.00 41.48 ? 10 SER P OG  1 
ATOM 87  N N   . TYR A 1 11 ? 12.727  4.328   2.264   1.00 39.28 ? 11 TYR P N   1 
ATOM 88  C CA  . TYR A 1 11 ? 12.721  3.026   1.592   1.00 39.28 ? 11 TYR P CA  1 
ATOM 89  C C   . TYR A 1 11 ? 12.930  1.882   2.584   1.00 39.28 ? 11 TYR P C   1 
ATOM 90  O O   . TYR A 1 11 ? 13.797  1.024   2.408   1.00 39.28 ? 11 TYR P O   1 
ATOM 91  C CB  . TYR A 1 11 ? 13.767  2.979   0.475   1.00 39.28 ? 11 TYR P CB  1 
ATOM 92  C CG  . TYR A 1 11 ? 13.382  3.757   -0.762  1.00 39.28 ? 11 TYR P CG  1 
ATOM 93  C CD1 . TYR A 1 11 ? 13.619  5.122   -0.848  1.00 39.28 ? 11 TYR P CD1 1 
ATOM 94  C CD2 . TYR A 1 11 ? 12.782  3.127   -1.843  1.00 39.28 ? 11 TYR P CD2 1 
ATOM 95  C CE1 . TYR A 1 11 ? 13.270  5.837   -1.976  1.00 39.28 ? 11 TYR P CE1 1 
ATOM 96  C CE2 . TYR A 1 11 ? 12.430  3.834   -2.976  1.00 39.28 ? 11 TYR P CE2 1 
ATOM 97  C CZ  . TYR A 1 11 ? 12.676  5.188   -3.036  1.00 39.28 ? 11 TYR P CZ  1 
ATOM 98  O OH  . TYR A 1 11 ? 12.328  5.898   -4.162  1.00 39.28 ? 11 TYR P OH  1 
ATOM 99  N N   . ALA A 1 12 ? 12.121  1.875   3.640   1.00 38.26 ? 12 ALA P N   1 
ATOM 100 C CA  . ALA A 1 12 ? 12.142  0.821   4.646   1.00 38.26 ? 12 ALA P CA  1 
ATOM 101 C C   . ALA A 1 12 ? 10.773  0.161   4.701   1.00 38.26 ? 12 ALA P C   1 
ATOM 102 O O   . ALA A 1 12 ? 9.752   0.848   4.815   1.00 38.26 ? 12 ALA P O   1 
ATOM 103 C CB  . ALA A 1 12 ? 12.526  1.373   6.021   1.00 38.26 ? 12 ALA P CB  1 
ATOM 104 N N   . VAL A 1 13 ? 10.753  -1.165  4.626   1.00 34.57 ? 13 VAL P N   1 
ATOM 105 C CA  . VAL A 1 13 ? 9.503   -1.916  4.604   1.00 34.57 ? 13 VAL P CA  1 
ATOM 106 C C   . VAL A 1 13 ? 8.926   -1.970  6.013   1.00 34.57 ? 13 VAL P C   1 
ATOM 107 O O   . VAL A 1 13 ? 9.636   -2.274  6.978   1.00 34.57 ? 13 VAL P O   1 
ATOM 108 C CB  . VAL A 1 13 ? 9.727   -3.327  4.040   1.00 34.57 ? 13 VAL P CB  1 
ATOM 109 C CG1 . VAL A 1 13 ? 8.422   -4.105  4.019   1.00 34.57 ? 13 VAL P CG1 1 
ATOM 110 C CG2 . VAL A 1 13 ? 10.329  -3.248  2.648   1.00 34.57 ? 13 VAL P CG2 1 
ATOM 111 N N   . LYS A 1 14 ? 7.632   -1.677  6.132   1.00 34.52 ? 14 LYS P N   1 
ATOM 112 C CA  . LYS A 1 14 ? 6.934   -1.691  7.408   1.00 34.52 ? 14 LYS P CA  1 
ATOM 113 C C   . LYS A 1 14 ? 5.527   -2.232  7.196   1.00 34.52 ? 14 LYS P C   1 
ATOM 114 O O   . LYS A 1 14 ? 5.021   -2.284  6.072   1.00 34.52 ? 14 LYS P O   1 
ATOM 115 C CB  . LYS A 1 14 ? 6.874   -0.294  8.040   1.00 34.52 ? 14 LYS P CB  1 
ATOM 116 C CG  . LYS A 1 14 ? 8.212   0.230   8.532   1.00 34.52 ? 14 LYS P CG  1 
ATOM 117 C CD  . LYS A 1 14 ? 8.135   1.709   8.863   1.00 34.52 ? 14 LYS P CD  1 
ATOM 118 C CE  . LYS A 1 14 ? 9.514   2.283   9.136   1.00 34.52 ? 14 LYS P CE  1 
ATOM 119 N NZ  . LYS A 1 14 ? 9.465   3.751   9.371   1.00 34.52 ? 14 LYS P NZ  1 
ATOM 120 N N   . VAL A 1 15 ? 4.901   -2.633  8.299   1.00 35.12 ? 15 VAL P N   1 
ATOM 121 C CA  . VAL A 1 15 ? 3.581   -3.251  8.290   1.00 35.12 ? 15 VAL P CA  1 
ATOM 122 C C   . VAL A 1 15 ? 2.662   -2.438  9.190   1.00 35.12 ? 15 VAL P C   1 
ATOM 123 O O   . VAL A 1 15 ? 3.033   -2.106  10.321  1.00 35.12 ? 15 VAL P O   1 
ATOM 124 C CB  . VAL A 1 15 ? 3.638   -4.716  8.762   1.00 35.12 ? 15 VAL P CB  1 
ATOM 125 C CG1 . VAL A 1 15 ? 2.241   -5.305  8.843   1.00 35.12 ? 15 VAL P CG1 1 
ATOM 126 C CG2 . VAL A 1 15 ? 4.520   -5.538  7.839   1.00 35.12 ? 15 VAL P CG2 1 
ATOM 127 N N   . LYS A 1 16 ? 1.469   -2.119  8.691   1.00 39.40 ? 16 LYS P N   1 
ATOM 128 C CA  . LYS A 1 16 ? 0.490   -1.376  9.472   1.00 39.40 ? 16 LYS P CA  1 
ATOM 129 C C   . LYS A 1 16 ? -0.876  -2.031  9.350   1.00 39.40 ? 16 LYS P C   1 
ATOM 130 O O   . LYS A 1 16 ? -1.298  -2.401  8.252   1.00 39.40 ? 16 LYS P O   1 
ATOM 131 C CB  . LYS A 1 16 ? 0.408   0.089   9.025   1.00 39.40 ? 16 LYS P CB  1 
ATOM 132 C CG  . LYS A 1 16 ? -0.495  0.947   9.897   1.00 39.40 ? 16 LYS P CG  1 
ATOM 133 C CD  . LYS A 1 16 ? -0.533  2.386   9.416   1.00 39.40 ? 16 LYS P CD  1 
ATOM 134 C CE  . LYS A 1 16 ? 0.784   3.086   9.693   1.00 39.40 ? 16 LYS P CE  1 
ATOM 135 N NZ  . LYS A 1 16 ? 1.018   3.256   11.153  1.00 39.40 ? 16 LYS P NZ  1 
ATOM 136 N N   . GLU A 1 17 ? -1.571  -2.157  10.476  1.00 43.07 ? 17 GLU P N   1 
ATOM 137 C CA  . GLU A 1 17 ? -2.877  -2.795  10.488  1.00 43.07 ? 17 GLU P CA  1 
ATOM 138 C C   . GLU A 1 17 ? -3.937  -1.873  9.890   1.00 43.07 ? 17 GLU P C   1 
ATOM 139 O O   . GLU A 1 17 ? -3.749  -0.660  9.762   1.00 43.07 ? 17 GLU P O   1 
ATOM 140 C CB  . GLU A 1 17 ? -3.269  -3.193  11.911  1.00 43.07 ? 17 GLU P CB  1 
ATOM 141 C CG  . GLU A 1 17 ? -3.721  -2.034  12.782  1.00 43.07 ? 17 GLU P CG  1 
ATOM 142 C CD  . GLU A 1 17 ? -4.556  -2.488  13.963  1.00 43.07 ? 17 GLU P CD  1 
ATOM 143 O OE1 . GLU A 1 17 ? -4.126  -3.422  14.672  1.00 43.07 ? 17 GLU P OE1 1 
ATOM 144 O OE2 . GLU A 1 17 ? -5.643  -1.913  14.182  1.00 43.07 ? 17 GLU P OE2 1 
ATOM 145 N N   . ILE A 1 18 ? -5.070  -2.471  9.524   1.00 48.24 ? 18 ILE P N   1 
ATOM 146 C CA  . ILE A 1 18 ? -6.184  -1.762  8.905   1.00 48.24 ? 18 ILE P CA  1 
ATOM 147 C C   . ILE A 1 18 ? -7.364  -1.774  9.865   1.00 48.24 ? 18 ILE P C   1 
ATOM 148 O O   . ILE A 1 18 ? -7.647  -2.794  10.504  1.00 48.24 ? 18 ILE P O   1 
ATOM 149 C CB  . ILE A 1 18 ? -6.582  -2.390  7.555   1.00 48.24 ? 18 ILE P CB  1 
ATOM 150 C CG1 . ILE A 1 18 ? -5.345  -2.686  6.708   1.00 48.24 ? 18 ILE P CG1 1 
ATOM 151 C CG2 . ILE A 1 18 ? -7.528  -1.472  6.800   1.00 48.24 ? 18 ILE P CG2 1 
ATOM 152 C CD1 . ILE A 1 18 ? -5.651  -3.493  5.467   1.00 48.24 ? 18 ILE P CD1 1 
ATOM 153 N N   . ASN A 1 19 ? -8.050  -0.639  9.963   1.00 55.25 ? 19 ASN P N   1 
ATOM 154 C CA  . ASN A 1 19 ? -9.260  -0.533  10.770  1.00 55.25 ? 19 ASN P CA  1 
ATOM 155 C C   . ASN A 1 19 ? -10.456 -0.905  9.901   1.00 55.25 ? 19 ASN P C   1 
ATOM 156 O O   . ASN A 1 19 ? -10.758 -0.214  8.922   1.00 55.25 ? 19 ASN P O   1 
ATOM 157 C CB  . ASN A 1 19 ? -9.413  0.878   11.336  1.00 55.25 ? 19 ASN P CB  1 
ATOM 158 C CG  . ASN A 1 19 ? -10.540 0.983   12.347  1.00 55.25 ? 19 ASN P CG  1 
ATOM 159 O OD1 . ASN A 1 19 ? -10.781 2.046   12.919  1.00 55.25 ? 19 ASN P OD1 1 
ATOM 160 N ND2 . ASN A 1 19 ? -11.237 -0.123  12.570  1.00 55.25 ? 19 ASN P ND2 1 
ATOM 161 N N   . SER A 1 20 ? -11.135 -1.991  10.260  1.00 60.71 ? 20 SER P N   1 
ATOM 162 C CA  . SER A 1 20 ? -12.228 -2.530  9.463   1.00 60.71 ? 20 SER P CA  1 
ATOM 163 C C   . SER A 1 20 ? -13.570 -1.873  9.755   1.00 60.71 ? 20 SER P C   1 
ATOM 164 O O   . SER A 1 20 ? -14.563 -2.217  9.105   1.00 60.71 ? 20 SER P O   1 
ATOM 165 C CB  . SER A 1 20 ? -12.342 -4.043  9.682   1.00 60.71 ? 20 SER P CB  1 
ATOM 166 O OG  . SER A 1 20 ? -11.197 -4.716  9.187   1.00 60.71 ? 20 SER P OG  1 
ATOM 167 N N   . SER A 1 21 ? -13.631 -0.947  10.707  1.00 64.90 ? 21 SER P N   1 
ATOM 168 C CA  . SER A 1 21 ? -14.888 -0.281  11.020  1.00 64.90 ? 21 SER P CA  1 
ATOM 169 C C   . SER A 1 21 ? -15.335 0.597   9.856   1.00 64.90 ? 21 SER P C   1 
ATOM 170 O O   . SER A 1 21 ? -14.525 1.297   9.242   1.00 64.90 ? 21 SER P O   1 
ATOM 171 C CB  . SER A 1 21 ? -14.744 0.558   12.288  1.00 64.90 ? 21 SER P CB  1 
ATOM 172 O OG  . SER A 1 21 ? -14.852 -0.250  13.447  1.00 64.90 ? 21 SER P OG  1 
ATOM 173 N N   . GLU A 1 22 ? -16.638 0.554   9.571   1.00 71.88 ? 22 GLU P N   1 
ATOM 174 C CA  . GLU A 1 22 ? -17.281 1.297   8.479   1.00 71.88 ? 22 GLU P CA  1 
ATOM 175 C C   . GLU A 1 22 ? -16.424 1.303   7.211   1.00 71.88 ? 22 GLU P C   1 
ATOM 176 O O   . GLU A 1 22 ? -16.180 2.338   6.587   1.00 71.88 ? 22 GLU P O   1 
ATOM 177 C CB  . GLU A 1 22 ? -17.654 2.721   8.918   1.00 71.88 ? 22 GLU P CB  1 
ATOM 178 C CG  . GLU A 1 22 ? -16.507 3.637   9.334   1.00 71.88 ? 22 GLU P CG  1 
ATOM 179 C CD  . GLU A 1 22 ? -16.947 5.077   9.509   1.00 71.88 ? 22 GLU P CD  1 
ATOM 180 O OE1 . GLU A 1 22 ? -18.166 5.340   9.442   1.00 71.88 ? 22 GLU P OE1 1 
ATOM 181 O OE2 . GLU A 1 22 ? -16.075 5.946   9.716   1.00 71.88 ? 22 GLU P OE2 1 
ATOM 182 N N   . GLY A 1 23 ? -15.984 0.112   6.818   1.00 64.26 ? 23 GLY P N   1 
ATOM 183 C CA  . GLY A 1 23 ? -15.154 -0.058  5.642   1.00 64.26 ? 23 GLY P CA  1 
ATOM 184 C C   . GLY A 1 23 ? -13.690 -0.229  5.997   1.00 64.26 ? 23 GLY P C   1 
ATOM 185 O O   . GLY A 1 23 ? -13.293 -0.295  7.164   1.00 64.26 ? 23 GLY P O   1 
ATOM 186 N N   . PHE A 1 24 ? -12.873 -0.301  4.949   1.00 56.88 ? 24 PHE P N   1 
ATOM 187 C CA  . PHE A 1 24 ? -11.433 -0.484  5.078   1.00 56.88 ? 24 PHE P CA  1 
ATOM 188 C C   . PHE A 1 24 ? -10.743 0.831   4.744   1.00 56.88 ? 24 PHE P C   1 
ATOM 189 O O   . PHE A 1 24 ? -10.859 1.326   3.618   1.00 56.88 ? 24 PHE P O   1 
ATOM 190 C CB  . PHE A 1 24 ? -10.937 -1.602  4.161   1.00 56.88 ? 24 PHE P CB  1 
ATOM 191 C CG  . PHE A 1 24 ? -11.589 -2.932  4.414   1.00 56.88 ? 24 PHE P CG  1 
ATOM 192 C CD1 . PHE A 1 24 ? -12.828 -3.227  3.869   1.00 56.88 ? 24 PHE P CD1 1 
ATOM 193 C CD2 . PHE A 1 24 ? -10.962 -3.889  5.192   1.00 56.88 ? 24 PHE P CD2 1 
ATOM 194 C CE1 . PHE A 1 24 ? -13.429 -4.448  4.098   1.00 56.88 ? 24 PHE P CE1 1 
ATOM 195 C CE2 . PHE A 1 24 ? -11.558 -5.113  5.424   1.00 56.88 ? 24 PHE P CE2 1 
ATOM 196 C CZ  . PHE A 1 24 ? -12.793 -5.393  4.877   1.00 56.88 ? 24 PHE P CZ  1 
ATOM 197 N N   . TYR A 1 25 ? -10.016 1.383   5.712   1.00 53.94 ? 25 TYR P N   1 
ATOM 198 C CA  . TYR A 1 25 ? -9.362  2.669   5.526   1.00 53.94 ? 25 TYR P CA  1 
ATOM 199 C C   . TYR A 1 25 ? -8.064  2.698   6.317   1.00 53.94 ? 25 TYR P C   1 
ATOM 200 O O   . TYR A 1 25 ? -7.906  1.999   7.321   1.00 53.94 ? 25 TYR P O   1 
ATOM 201 C CB  . TYR A 1 25 ? -10.270 3.833   5.947   1.00 53.94 ? 25 TYR P CB  1 
ATOM 202 C CG  . TYR A 1 25 ? -10.631 3.854   7.419   1.00 53.94 ? 25 TYR P CG  1 
ATOM 203 C CD1 . TYR A 1 25 ? -11.485 2.904   7.962   1.00 53.94 ? 25 TYR P CD1 1 
ATOM 204 C CD2 . TYR A 1 25 ? -10.117 4.829   8.263   1.00 53.94 ? 25 TYR P CD2 1 
ATOM 205 C CE1 . TYR A 1 25 ? -11.816 2.923   9.304   1.00 53.94 ? 25 TYR P CE1 1 
ATOM 206 C CE2 . TYR A 1 25 ? -10.443 4.856   9.606   1.00 53.94 ? 25 TYR P CE2 1 
ATOM 207 C CZ  . TYR A 1 25 ? -11.292 3.901   10.120  1.00 53.94 ? 25 TYR P CZ  1 
ATOM 208 O OH  . TYR A 1 25 ? -11.618 3.926   11.456  1.00 53.94 ? 25 TYR P OH  1 
ATOM 209 N N   . ILE A 1 26 ? -7.132  3.522   5.845   1.00 51.38 ? 26 ILE P N   1 
ATOM 210 C CA  . ILE A 1 26 ? -5.834  3.705   6.483   1.00 51.38 ? 26 ILE P CA  1 
ATOM 211 C C   . ILE A 1 26 ? -5.515  5.193   6.519   1.00 51.38 ? 26 ILE P C   1 
ATOM 212 O O   . ILE A 1 26 ? -5.825  5.931   5.577   1.00 51.38 ? 26 ILE P O   1 
ATOM 213 C CB  . ILE A 1 26 ? -4.719  2.927   5.755   1.00 51.38 ? 26 ILE P CB  1 
ATOM 214 C CG1 . ILE A 1 26 ? -4.763  3.212   4.254   1.00 51.38 ? 26 ILE P CG1 1 
ATOM 215 C CG2 . ILE A 1 26 ? -4.838  1.436   6.029   1.00 51.38 ? 26 ILE P CG2 1 
ATOM 216 C CD1 . ILE A 1 26 ? -3.618  2.602   3.490   1.00 51.38 ? 26 ILE P CD1 1 
ATOM 217 N N   . ASN A 1 27 ? -4.894  5.629   7.613   1.00 51.62 ? 27 ASN P N   1 
ATOM 218 C CA  . ASN A 1 27 ? -4.515  7.023   7.791   1.00 51.62 ? 27 ASN P CA  1 
ATOM 219 C C   . ASN A 1 27 ? -3.414  7.100   8.839   1.00 51.62 ? 27 ASN P C   1 
ATOM 220 O O   . ASN A 1 27 ? -3.066  6.106   9.480   1.00 51.62 ? 27 ASN P O   1 
ATOM 221 C CB  . ASN A 1 27 ? -5.717  7.882   8.194   1.00 51.62 ? 27 ASN P CB  1 
ATOM 222 C CG  . ASN A 1 27 ? -6.515  7.274   9.332   1.00 51.62 ? 27 ASN P CG  1 
ATOM 223 O OD1 . ASN A 1 27 ? -6.122  6.260   9.908   1.00 51.62 ? 27 ASN P OD1 1 
ATOM 224 N ND2 . ASN A 1 27 ? -7.642  7.893   9.661   1.00 51.62 ? 27 ASN P ND2 1 
ATOM 225 N N   . GLY A 1 28 ? -2.875  8.303   9.009   1.00 52.16 ? 28 GLY P N   1 
ATOM 226 C CA  . GLY A 1 28 ? -1.848  8.545   10.009  1.00 52.16 ? 28 GLY P CA  1 
ATOM 227 C C   . GLY A 1 28 ? -0.525  7.855   9.757   1.00 52.16 ? 28 GLY P C   1 
ATOM 228 O O   . GLY A 1 28 ? 0.060   7.289   10.689  1.00 52.16 ? 28 GLY P O   1 
ATOM 229 N N   . ILE A 1 29 ? -0.038  7.883   8.515   1.00 49.41 ? 29 ILE P N   1 
ATOM 230 C CA  . ILE A 1 29 ? 1.265   7.294   8.221   1.00 49.41 ? 29 ILE P CA  1 
ATOM 231 C C   . ILE A 1 29 ? 2.388   8.131   8.823   1.00 49.41 ? 29 ILE P C   1 
ATOM 232 O O   . ILE A 1 29 ? 3.416   7.586   9.247   1.00 49.41 ? 29 ILE P O   1 
ATOM 233 C CB  . ILE A 1 29 ? 1.441   7.121   6.702   1.00 49.41 ? 29 ILE P CB  1 
ATOM 234 C CG1 . ILE A 1 29 ? 0.250   6.365   6.112   1.00 49.41 ? 29 ILE P CG1 1 
ATOM 235 C CG2 . ILE A 1 29 ? 2.731   6.382   6.395   1.00 49.41 ? 29 ILE P CG2 1 
ATOM 236 C CD1 . ILE A 1 29 ? 0.084   4.967   6.659   1.00 49.41 ? 29 ILE P CD1 1 
ATOM 237 N N   . GLN A 1 30 ? 2.220   9.453   8.861   1.00 51.26 ? 30 GLN P N   1 
ATOM 238 C CA  . GLN A 1 30 ? 3.124   10.466  9.396   1.00 51.26 ? 30 GLN P CA  1 
ATOM 239 C C   . GLN A 1 30 ? 4.320   10.728  8.482   1.00 51.26 ? 30 GLN P C   1 
ATOM 240 O O   . GLN A 1 30 ? 5.089   11.648  8.756   1.00 51.26 ? 30 GLN P O   1 
ATOM 241 C CB  . GLN A 1 30 ? 3.650   10.135  10.807  1.00 51.26 ? 30 GLN P CB  1 
ATOM 242 C CG  . GLN A 1 30 ? 2.659   10.393  11.927  1.00 51.26 ? 30 GLN P CG  1 
ATOM 243 C CD  . GLN A 1 30 ? 3.321   10.424  13.289  1.00 51.26 ? 30 GLN P CD  1 
ATOM 244 O OE1 . GLN A 1 30 ? 4.529   10.220  13.409  1.00 51.26 ? 30 GLN P OE1 1 
ATOM 245 N NE2 . GLN A 1 30 ? 2.532   10.682  14.325  1.00 51.26 ? 30 GLN P NE2 1 
ATOM 246 N N   . THR A 1 31 ? 4.504   9.967   7.412   1.00 49.32 ? 31 THR P N   1 
ATOM 247 C CA  . THR A 1 31 ? 5.605   10.146  6.479   1.00 49.32 ? 31 THR P CA  1 
ATOM 248 C C   . THR A 1 31 ? 5.111   9.822   5.079   1.00 49.32 ? 31 THR P C   1 
ATOM 249 O O   . THR A 1 31 ? 4.120   9.102   4.917   1.00 49.32 ? 31 THR P O   1 
ATOM 250 C CB  . THR A 1 31 ? 6.802   9.248   6.826   1.00 49.32 ? 31 THR P CB  1 
ATOM 251 O OG1 . THR A 1 31 ? 6.337   7.937   7.172   1.00 49.32 ? 31 THR P OG1 1 
ATOM 252 C CG2 . THR A 1 31 ? 7.599   9.827   7.985   1.00 49.32 ? 31 THR P CG2 1 
ATOM 253 N N   . PRO A 1 32 ? 5.767   10.354  4.047   1.00 44.47 ? 32 PRO P N   1 
ATOM 254 C CA  . PRO A 1 32 ? 5.444   9.927   2.680   1.00 44.47 ? 32 PRO P CA  1 
ATOM 255 C C   . PRO A 1 32 ? 5.627   8.424   2.534   1.00 44.47 ? 32 PRO P C   1 
ATOM 256 O O   . PRO A 1 32 ? 6.591   7.846   3.036   1.00 44.47 ? 32 PRO P O   1 
ATOM 257 C CB  . PRO A 1 32 ? 6.442   10.707  1.819   1.00 44.47 ? 32 PRO P CB  1 
ATOM 258 C CG  . PRO A 1 32 ? 6.769   11.911  2.628   1.00 44.47 ? 32 PRO P CG  1 
ATOM 259 C CD  . PRO A 1 32 ? 6.733   11.467  4.063   1.00 44.47 ? 32 PRO P CD  1 
ATOM 260 N N   . PHE A 1 33 ? 4.687   7.791   1.837   1.00 41.92 ? 33 PHE P N   1 
ATOM 261 C CA  . PHE A 1 33 ? 4.641   6.338   1.803   1.00 41.92 ? 33 PHE P CA  1 
ATOM 262 C C   . PHE A 1 33 ? 4.168   5.862   0.440   1.00 41.92 ? 33 PHE P C   1 
ATOM 263 O O   . PHE A 1 33 ? 3.512   6.592   -0.307  1.00 41.92 ? 33 PHE P O   1 
ATOM 264 C CB  . PHE A 1 33 ? 3.732   5.783   2.905   1.00 41.92 ? 33 PHE P CB  1 
ATOM 265 C CG  . PHE A 1 33 ? 2.277   6.109   2.714   1.00 41.92 ? 33 PHE P CG  1 
ATOM 266 C CD1 . PHE A 1 33 ? 1.789   7.368   3.021   1.00 41.92 ? 33 PHE P CD1 1 
ATOM 267 C CD2 . PHE A 1 33 ? 1.396   5.154   2.240   1.00 41.92 ? 33 PHE P CD2 1 
ATOM 268 C CE1 . PHE A 1 33 ? 0.454   7.670   2.849   1.00 41.92 ? 33 PHE P CE1 1 
ATOM 269 C CE2 . PHE A 1 33 ? 0.059   5.450   2.068   1.00 41.92 ? 33 PHE P CE2 1 
ATOM 270 C CZ  . PHE A 1 33 ? -0.412  6.710   2.374   1.00 41.92 ? 33 PHE P CZ  1 
ATOM 271 N N   . PHE A 1 34 ? 4.516   4.616   0.129   1.00 37.24 ? 34 PHE P N   1 
ATOM 272 C CA  . PHE A 1 34 ? 4.103   3.943   -1.097  1.00 37.24 ? 34 PHE P CA  1 
ATOM 273 C C   . PHE A 1 34 ? 3.609   2.557   -0.708  1.00 37.24 ? 34 PHE P C   1 
ATOM 274 O O   . PHE A 1 34 ? 4.394   1.724   -0.243  1.00 37.24 ? 34 PHE P O   1 
ATOM 275 C CB  . PHE A 1 34 ? 5.258   3.859   -2.095  1.00 37.24 ? 34 PHE P CB  1 
ATOM 276 C CG  . PHE A 1 34 ? 4.869   3.318   -3.441  1.00 37.24 ? 34 PHE P CG  1 
ATOM 277 C CD1 . PHE A 1 34 ? 4.864   1.954   -3.679  1.00 37.24 ? 34 PHE P CD1 1 
ATOM 278 C CD2 . PHE A 1 34 ? 4.519   4.172   -4.471  1.00 37.24 ? 34 PHE P CD2 1 
ATOM 279 C CE1 . PHE A 1 34 ? 4.511   1.454   -4.915  1.00 37.24 ? 34 PHE P CE1 1 
ATOM 280 C CE2 . PHE A 1 34 ? 4.166   3.677   -5.709  1.00 37.24 ? 34 PHE P CE2 1 
ATOM 281 C CZ  . PHE A 1 34 ? 4.161   2.316   -5.931  1.00 37.24 ? 34 PHE P CZ  1 
ATOM 282 N N   . ILE A 1 35 ? 2.311   2.311   -0.889  1.00 37.52 ? 35 ILE P N   1 
ATOM 283 C CA  . ILE A 1 35 ? 1.729   1.039   -0.477  1.00 37.52 ? 35 ILE P CA  1 
ATOM 284 C C   . ILE A 1 35 ? 2.223   -0.064  -1.403  1.00 37.52 ? 35 ILE P C   1 
ATOM 285 O O   . ILE A 1 35 ? 2.166   0.062   -2.633  1.00 37.52 ? 35 ILE P O   1 
ATOM 286 C CB  . ILE A 1 35 ? 0.197   1.121   -0.477  1.00 37.52 ? 35 ILE P CB  1 
ATOM 287 C CG1 . ILE A 1 35 ? -0.273  2.254   0.434   1.00 37.52 ? 35 ILE P CG1 1 
ATOM 288 C CG2 . ILE A 1 35 ? -0.403  -0.196  -0.019  1.00 37.52 ? 35 ILE P CG2 1 
ATOM 289 C CD1 . ILE A 1 35 ? -1.759  2.495   0.374   1.00 37.52 ? 35 ILE P CD1 1 
ATOM 290 N N   . LEU A 1 36 ? 2.714   -1.153  -0.814  1.00 36.42 ? 36 LEU P N   1 
ATOM 291 C CA  . LEU A 1 36 ? 3.251   -2.273  -1.576  1.00 36.42 ? 36 LEU P CA  1 
ATOM 292 C C   . LEU A 1 36 ? 2.281   -3.443  -1.667  1.00 36.42 ? 36 LEU P C   1 
ATOM 293 O O   . LEU A 1 36 ? 2.035   -3.957  -2.761  1.00 36.42 ? 36 LEU P O   1 
ATOM 294 C CB  . LEU A 1 36 ? 4.572   -2.747  -0.962  1.00 36.42 ? 36 LEU P CB  1 
ATOM 295 C CG  . LEU A 1 36 ? 5.809   -1.889  -1.220  1.00 36.42 ? 36 LEU P CG  1 
ATOM 296 C CD1 . LEU A 1 36 ? 7.049   -2.601  -0.710  1.00 36.42 ? 36 LEU P CD1 1 
ATOM 297 C CD2 . LEU A 1 36 ? 5.941   -1.566  -2.696  1.00 36.42 ? 36 LEU P CD2 1 
ATOM 298 N N   . SER A 1 37 ? 1.723   -3.880  -0.540  1.00 38.28 ? 37 SER P N   1 
ATOM 299 C CA  . SER A 1 37 ? 0.882   -5.070  -0.555  1.00 38.28 ? 37 SER P CA  1 
ATOM 300 C C   . SER A 1 37 ? -0.211  -4.957  0.497   1.00 38.28 ? 37 SER P C   1 
ATOM 301 O O   . SER A 1 37 ? -0.069  -4.251  1.497   1.00 38.28 ? 37 SER P O   1 
ATOM 302 C CB  . SER A 1 37 ? 1.708   -6.340  -0.326  1.00 38.28 ? 37 SER P CB  1 
ATOM 303 O OG  . SER A 1 37 ? 2.555   -6.600  -1.431  1.00 38.28 ? 37 SER P OG  1 
ATOM 304 N N   . VAL A 1 38 ? -1.301  -5.687  0.263   1.00 37.12 ? 38 VAL P N   1 
ATOM 305 C CA  . VAL A 1 38 ? -2.456  -5.722  1.152   1.00 37.12 ? 38 VAL P CA  1 
ATOM 306 C C   . VAL A 1 38 ? -2.747  -7.176  1.500   1.00 37.12 ? 38 VAL P C   1 
ATOM 307 O O   . VAL A 1 38 ? -2.750  -8.038  0.616   1.00 37.12 ? 38 VAL P O   1 
ATOM 308 C CB  . VAL A 1 38 ? -3.692  -5.064  0.507   1.00 37.12 ? 38 VAL P CB  1 
ATOM 309 C CG1 . VAL A 1 38 ? -4.881  -5.111  1.453   1.00 37.12 ? 38 VAL P CG1 1 
ATOM 310 C CG2 . VAL A 1 38 ? -3.385  -3.633  0.104   1.00 37.12 ? 38 VAL P CG2 1 
ATOM 311 N N   . PHE A 1 39 ? -2.994  -7.446  2.782   1.00 38.59 ? 39 PHE P N   1 
ATOM 312 C CA  . PHE A 1 39 ? -3.291  -8.785  3.274   1.00 38.59 ? 39 PHE P CA  1 
ATOM 313 C C   . PHE A 1 39 ? -4.613  -8.739  4.025   1.00 38.59 ? 39 PHE P C   1 
ATOM 314 O O   . PHE A 1 39 ? -4.750  -7.987  4.998   1.00 38.59 ? 39 PHE P O   1 
ATOM 315 C CB  . PHE A 1 39 ? -2.182  -9.297  4.195   1.00 38.59 ? 39 PHE P CB  1 
ATOM 316 C CG  . PHE A 1 39 ? -0.885  -9.588  3.493   1.00 38.59 ? 39 PHE P CG  1 
ATOM 317 C CD1 . PHE A 1 39 ? -0.053  -8.558  3.089   1.00 38.59 ? 39 PHE P CD1 1 
ATOM 318 C CD2 . PHE A 1 39 ? -0.491  -10.893 3.253   1.00 38.59 ? 39 PHE P CD2 1 
ATOM 319 C CE1 . PHE A 1 39 ? 1.140   -8.824  2.450   1.00 38.59 ? 39 PHE P CE1 1 
ATOM 320 C CE2 . PHE A 1 39 ? 0.701   -11.163 2.614   1.00 38.59 ? 39 PHE P CE2 1 
ATOM 321 C CZ  . PHE A 1 39 ? 1.517   -10.127 2.211   1.00 38.59 ? 39 PHE P CZ  1 
ATOM 322 N N   . ILE A 1 40 ? -5.573  -9.544  3.579   1.00 40.81 ? 40 ILE P N   1 
ATOM 323 C CA  . ILE A 1 40 ? -6.880  -9.658  4.215   1.00 40.81 ? 40 ILE P CA  1 
ATOM 324 C C   . ILE A 1 40 ? -7.049  -11.101 4.667   1.00 40.81 ? 40 ILE P C   1 
ATOM 325 O O   . ILE A 1 40 ? -6.962  -12.026 3.851   1.00 40.81 ? 40 ILE P O   1 
ATOM 326 C CB  . ILE A 1 40 ? -8.017  -9.245  3.268   1.00 40.81 ? 40 ILE P CB  1 
ATOM 327 C CG1 . ILE A 1 40 ? -7.867  -7.778  2.861   1.00 40.81 ? 40 ILE P CG1 1 
ATOM 328 C CG2 . ILE A 1 40 ? -9.369  -9.496  3.920   1.00 40.81 ? 40 ILE P CG2 1 
ATOM 329 C CD1 . ILE A 1 40 ? -8.398  -6.797  3.881   1.00 40.81 ? 40 ILE P CD1 1 
ATOM 330 N N   . GLY A 1 41 ? -7.297  -11.291 5.959   1.00 41.32 ? 41 GLY P N   1 
ATOM 331 C CA  . GLY A 1 41 ? -7.430  -12.634 6.500   1.00 41.32 ? 41 GLY P CA  1 
ATOM 332 C C   . GLY A 1 41 ? -6.166  -13.459 6.391   1.00 41.32 ? 41 GLY P C   1 
ATOM 333 O O   . GLY A 1 41 ? -6.234  -14.659 6.093   1.00 41.32 ? 41 GLY P O   1 
ATOM 334 N N   . ASN A 1 42 ? -5.008  -12.835 6.617   1.00 40.75 ? 42 ASN P N   1 
ATOM 335 C CA  . ASN A 1 42 ? -3.708  -13.505 6.559   1.00 40.75 ? 42 ASN P CA  1 
ATOM 336 C C   . ASN A 1 42 ? -3.444  -14.127 5.191   1.00 40.75 ? 42 ASN P C   1 
ATOM 337 O O   . ASN A 1 42 ? -2.719  -15.119 5.078   1.00 40.75 ? 42 ASN P O   1 
ATOM 338 C CB  . ASN A 1 42 ? -3.575  -14.562 7.660   1.00 40.75 ? 42 ASN P CB  1 
ATOM 339 C CG  . ASN A 1 42 ? -3.267  -13.957 9.014   1.00 40.75 ? 42 ASN P CG  1 
ATOM 340 O OD1 . ASN A 1 42 ? -2.907  -12.784 9.115   1.00 40.75 ? 42 ASN P OD1 1 
ATOM 341 N ND2 . ASN A 1 42 ? -3.409  -14.755 10.064  1.00 40.75 ? 42 ASN P ND2 1 
ATOM 342 N N   . LYS A 1 43 ? -4.027  -13.552 4.141   1.00 40.26 ? 43 LYS P N   1 
ATOM 343 C CA  . LYS A 1 43 ? -3.811  -14.013 2.779   1.00 40.26 ? 43 LYS P CA  1 
ATOM 344 C C   . LYS A 1 43 ? -3.679  -12.807 1.861   1.00 40.26 ? 43 LYS P C   1 
ATOM 345 O O   . LYS A 1 43 ? -4.192  -11.725 2.155   1.00 40.26 ? 43 LYS P O   1 
ATOM 346 C CB  . LYS A 1 43 ? -4.953  -14.919 2.292   1.00 40.26 ? 43 LYS P CB  1 
ATOM 347 C CG  . LYS A 1 43 ? -5.094  -16.221 3.062   1.00 40.26 ? 43 LYS P CG  1 
ATOM 348 C CD  . LYS A 1 43 ? -5.553  -17.353 2.157   1.00 40.26 ? 43 LYS P CD  1 
ATOM 349 C CE  . LYS A 1 43 ? -6.908  -17.051 1.539   1.00 40.26 ? 43 LYS P CE  1 
ATOM 350 N NZ  . LYS A 1 43 ? -7.210  -17.954 0.394   1.00 40.26 ? 43 LYS P NZ  1 
ATOM 351 N N   . ARG A 1 44 ? -2.986  -13.004 0.744   1.00 40.52 ? 44 ARG P N   1 
ATOM 352 C CA  . ARG A 1 44 ? -2.773  -11.943 -0.228  1.00 40.52 ? 44 ARG P CA  1 
ATOM 353 C C   . ARG A 1 44 ? -3.940  -11.880 -1.205  1.00 40.52 ? 44 ARG P C   1 
ATOM 354 O O   . ARG A 1 44 ? -4.407  -12.909 -1.702  1.00 40.52 ? 44 ARG P O   1 
ATOM 355 C CB  . ARG A 1 44 ? -1.464  -12.165 -0.987  1.00 40.52 ? 44 ARG P CB  1 
ATOM 356 C CG  . ARG A 1 44 ? -1.136  -11.071 -1.986  1.00 40.52 ? 44 ARG P CG  1 
ATOM 357 C CD  . ARG A 1 44 ? -0.660  -9.810  -1.286  1.00 40.52 ? 44 ARG P CD  1 
ATOM 358 N NE  . ARG A 1 44 ? 0.195   -8.998  -2.143  1.00 40.52 ? 44 ARG P NE  1 
ATOM 359 C CZ  . ARG A 1 44 ? 1.461   -9.277  -2.422  1.00 40.52 ? 44 ARG P CZ  1 
ATOM 360 N NH1 . ARG A 1 44 ? 2.060   -10.344 -1.919  1.00 40.52 ? 44 ARG P NH1 1 
ATOM 361 N NH2 . ARG A 1 44 ? 2.144   -8.463  -3.221  1.00 40.52 ? 44 ARG P NH2 1 
ATOM 362 N N   . VAL A 1 45 ? -4.407  -10.664 -1.475  1.00 40.60 ? 45 VAL P N   1 
ATOM 363 C CA  . VAL A 1 45 ? -5.552  -10.440 -2.347  1.00 40.60 ? 45 VAL P CA  1 
ATOM 364 C C   . VAL A 1 45 ? -5.117  -9.596  -3.536  1.00 40.60 ? 45 VAL P C   1 
ATOM 365 O O   . VAL A 1 45 ? -4.130  -8.856  -3.474  1.00 40.60 ? 45 VAL P O   1 
ATOM 366 C CB  . VAL A 1 45 ? -6.721  -9.763  -1.596  1.00 40.60 ? 45 VAL P CB  1 
ATOM 367 C CG1 . VAL A 1 45 ? -7.174  -10.630 -0.435  1.00 40.60 ? 45 VAL P CG1 1 
ATOM 368 C CG2 . VAL A 1 45 ? -6.311  -8.385  -1.108  1.00 40.60 ? 45 VAL P CG2 1 
ATOM 369 N N   . THR A 1 46 ? -5.866  -9.718  -4.631  1.00 42.29 ? 46 THR P N   1 
ATOM 370 C CA  . THR A 1 46 ? -5.600  -8.979  -5.855  1.00 42.29 ? 46 THR P CA  1 
ATOM 371 C C   . THR A 1 46 ? -6.894  -8.368  -6.372  1.00 42.29 ? 46 THR P C   1 
ATOM 372 O O   . THR A 1 46 ? -7.995  -8.822  -6.048  1.00 42.29 ? 46 THR P O   1 
ATOM 373 C CB  . THR A 1 46 ? -4.983  -9.872  -6.941  1.00 42.29 ? 46 THR P CB  1 
ATOM 374 O OG1 . THR A 1 46 ? -5.773  -11.057 -7.095  1.00 42.29 ? 46 THR P OG1 1 
ATOM 375 C CG2 . THR A 1 46 ? -3.561  -10.258 -6.572  1.00 42.29 ? 46 THR P CG2 1 
ATOM 376 N N   . GLY A 1 47 ? -6.748  -7.327  -7.186  1.00 44.19 ? 47 GLY P N   1 
ATOM 377 C CA  . GLY A 1 47 ? -7.893  -6.639  -7.743  1.00 44.19 ? 47 GLY P CA  1 
ATOM 378 C C   . GLY A 1 47 ? -8.449  -5.522  -6.893  1.00 44.19 ? 47 GLY P C   1 
ATOM 379 O O   . GLY A 1 47 ? -9.578  -5.082  -7.138  1.00 44.19 ? 47 GLY P O   1 
ATOM 380 N N   . VAL A 1 48 ? -7.699  -5.048  -5.900  1.00 44.58 ? 48 VAL P N   1 
ATOM 381 C CA  . VAL A 1 48 ? -8.179  -3.972  -5.045  1.00 44.58 ? 48 VAL P CA  1 
ATOM 382 C C   . VAL A 1 48 ? -8.061  -2.637  -5.773  1.00 44.58 ? 48 VAL P C   1 
ATOM 383 O O   . VAL A 1 48 ? -7.332  -2.492  -6.758  1.00 44.58 ? 48 VAL P O   1 
ATOM 384 C CB  . VAL A 1 48 ? -7.418  -3.949  -3.708  1.00 44.58 ? 48 VAL P CB  1 
ATOM 385 C CG1 . VAL A 1 48 ? -7.405  -5.333  -3.083  1.00 44.58 ? 48 VAL P CG1 1 
ATOM 386 C CG2 . VAL A 1 48 ? -6.002  -3.440  -3.913  1.00 44.58 ? 48 VAL P CG2 1 
ATOM 387 N N   . GLU A 1 49 ? -8.797  -1.647  -5.275  1.00 49.30 ? 49 GLU P N   1 
ATOM 388 C CA  . GLU A 1 49 ? -8.774  -0.311  -5.852  1.00 49.30 ? 49 GLU P CA  1 
ATOM 389 C C   . GLU A 1 49 ? -9.219  0.684   -4.793  1.00 49.30 ? 49 GLU P C   1 
ATOM 390 O O   . GLU A 1 49 ? -9.821  0.315   -3.781  1.00 49.30 ? 49 GLU P O   1 
ATOM 391 C CB  . GLU A 1 49 ? -9.670  -0.216  -7.091  1.00 49.30 ? 49 GLU P CB  1 
ATOM 392 C CG  . GLU A 1 49 ? -11.139 -0.487  -6.816  1.00 49.30 ? 49 GLU P CG  1 
ATOM 393 C CD  . GLU A 1 49 ? -11.907 -0.861  -8.066  1.00 49.30 ? 49 GLU P CD  1 
ATOM 394 O OE1 . GLU A 1 49 ? -11.436 -0.535  -9.176  1.00 49.30 ? 49 GLU P OE1 1 
ATOM 395 O OE2 . GLU A 1 49 ? -12.984 -1.482  -7.941  1.00 49.30 ? 49 GLU P OE2 1 
ATOM 396 N N   . PHE A 1 50 ? -8.914  1.954   -5.040  1.00 47.90 ? 50 PHE P N   1 
ATOM 397 C CA  . PHE A 1 50 ? -9.296  3.040   -4.147  1.00 47.90 ? 50 PHE P CA  1 
ATOM 398 C C   . PHE A 1 50 ? -10.477 3.789   -4.749  1.00 47.90 ? 50 PHE P C   1 
ATOM 399 O O   . PHE A 1 50 ? -10.463 4.127   -5.938  1.00 47.90 ? 50 PHE P O   1 
ATOM 400 C CB  . PHE A 1 50 ? -8.131  4.003   -3.910  1.00 47.90 ? 50 PHE P CB  1 
ATOM 401 C CG  . PHE A 1 50 ? -6.800  3.327   -3.727  1.00 47.90 ? 50 PHE P CG  1 
ATOM 402 C CD1 . PHE A 1 50 ? -6.674  2.205   -2.925  1.00 47.90 ? 50 PHE P CD1 1 
ATOM 403 C CD2 . PHE A 1 50 ? -5.669  3.825   -4.352  1.00 47.90 ? 50 PHE P CD2 1 
ATOM 404 C CE1 . PHE A 1 50 ? -5.448  1.591   -2.758  1.00 47.90 ? 50 PHE P CE1 1 
ATOM 405 C CE2 . PHE A 1 50 ? -4.442  3.215   -4.187  1.00 47.90 ? 50 PHE P CE2 1 
ATOM 406 C CZ  . PHE A 1 50 ? -4.331  2.097   -3.389  1.00 47.90 ? 50 PHE P CZ  1 
ATOM 407 N N   . ASN A 1 51 ? -11.494 4.046   -3.931  1.00 52.32 ? 51 ASN P N   1 
ATOM 408 C CA  . ASN A 1 51 ? -12.678 4.766   -4.377  1.00 52.32 ? 51 ASN P CA  1 
ATOM 409 C C   . ASN A 1 51 ? -12.562 6.273   -4.190  1.00 52.32 ? 51 ASN P C   1 
ATOM 410 O O   . ASN A 1 51 ? -13.470 7.004   -4.599  1.00 52.32 ? 51 ASN P O   1 
ATOM 411 C CB  . ASN A 1 51 ? -13.918 4.251   -3.641  1.00 52.32 ? 51 ASN P CB  1 
ATOM 412 C CG  . ASN A 1 51 ? -13.674 4.052   -2.161  1.00 52.32 ? 51 ASN P CG  1 
ATOM 413 O OD1 . ASN A 1 51 ? -12.898 4.782   -1.546  1.00 52.32 ? 51 ASN P OD1 1 
ATOM 414 N ND2 . ASN A 1 51 ? -14.338 3.061   -1.578  1.00 52.32 ? 51 ASN P ND2 1 
ATOM 415 N N   . ASN A 1 52 ? -11.476 6.755   -3.585  1.00 51.77 ? 52 ASN P N   1 
ATOM 416 C CA  . ASN A 1 52 ? -11.275 8.182   -3.385  1.00 51.77 ? 52 ASN P CA  1 
ATOM 417 C C   . ASN A 1 52 ? -9.896  8.676   -3.797  1.00 51.77 ? 52 ASN P C   1 
ATOM 418 O O   . ASN A 1 52 ? -9.714  9.892   -3.925  1.00 51.77 ? 52 ASN P O   1 
ATOM 419 C CB  . ASN A 1 52 ? -11.517 8.561   -1.914  1.00 51.77 ? 52 ASN P CB  1 
ATOM 420 C CG  . ASN A 1 52 ? -10.331 8.241   -1.024  1.00 51.77 ? 52 ASN P CG  1 
ATOM 421 O OD1 . ASN A 1 52 ? -9.670  7.216   -1.193  1.00 51.77 ? 52 ASN P OD1 1 
ATOM 422 N ND2 . ASN A 1 52 ? -10.054 9.121   -0.071  1.00 51.77 ? 52 ASN P ND2 1 
ATOM 423 N N   . TYR A 1 53 ? -8.927  7.788   -4.003  1.00 49.48 ? 53 TYR P N   1 
ATOM 424 C CA  . TYR A 1 53 ? -7.572  8.162   -4.379  1.00 49.48 ? 53 TYR P CA  1 
ATOM 425 C C   . TYR A 1 53 ? -7.247  7.547   -5.732  1.00 49.48 ? 53 TYR P C   1 
ATOM 426 O O   . TYR A 1 53 ? -7.402  6.336   -5.920  1.00 49.48 ? 53 TYR P O   1 
ATOM 427 C CB  . TYR A 1 53 ? -6.568  7.694   -3.322  1.00 49.48 ? 53 TYR P CB  1 
ATOM 428 C CG  . TYR A 1 53 ? -5.251  8.433   -3.337  1.00 49.48 ? 53 TYR P CG  1 
ATOM 429 C CD1 . TYR A 1 53 ? -5.140  9.703   -2.789  1.00 49.48 ? 53 TYR P CD1 1 
ATOM 430 C CD2 . TYR A 1 53 ? -4.115  7.857   -3.889  1.00 49.48 ? 53 TYR P CD2 1 
ATOM 431 C CE1 . TYR A 1 53 ? -3.937  10.381  -2.797  1.00 49.48 ? 53 TYR P CE1 1 
ATOM 432 C CE2 . TYR A 1 53 ? -2.907  8.527   -3.900  1.00 49.48 ? 53 TYR P CE2 1 
ATOM 433 C CZ  . TYR A 1 53 ? -2.825  9.789   -3.353  1.00 49.48 ? 53 TYR P CZ  1 
ATOM 434 O OH  . TYR A 1 53 ? -1.625  10.462  -3.363  1.00 49.48 ? 53 TYR P OH  1 
ATOM 435 N N   . ASP A 1 54 ? -6.801  8.377   -6.670  1.00 53.39 ? 54 ASP P N   1 
ATOM 436 C CA  . ASP A 1 54 ? -6.461  7.931   -8.017  1.00 53.39 ? 54 ASP P CA  1 
ATOM 437 C C   . ASP A 1 54 ? -4.944  7.835   -8.128  1.00 53.39 ? 54 ASP P C   1 
ATOM 438 O O   . ASP A 1 54 ? -4.249  8.856   -8.124  1.00 53.39 ? 54 ASP P O   1 
ATOM 439 C CB  . ASP A 1 54 ? -7.032  8.881   -9.068  1.00 53.39 ? 54 ASP P CB  1 
ATOM 440 C CG  . ASP A 1 54 ? -8.437  8.501   -9.494  1.00 53.39 ? 54 ASP P CG  1 
ATOM 441 O OD1 . ASP A 1 54 ? -8.745  7.291   -9.520  1.00 53.39 ? 54 ASP P OD1 1 
ATOM 442 O OD2 . ASP A 1 54 ? -9.233  9.412   -9.804  1.00 53.39 ? 54 ASP P OD2 1 
ATOM 443 N N   . SER A 1 55 ? -4.433  6.607   -8.225  1.00 45.68 ? 55 SER P N   1 
ATOM 444 C CA  . SER A 1 55 ? -2.991  6.382   -8.322  1.00 45.68 ? 55 SER P CA  1 
ATOM 445 C C   . SER A 1 55 ? -2.768  5.035   -9.005  1.00 45.68 ? 55 SER P C   1 
ATOM 446 O O   . SER A 1 55 ? -2.888  3.986   -8.367  1.00 45.68 ? 55 SER P O   1 
ATOM 447 C CB  . SER A 1 55 ? -2.343  6.420   -6.947  1.00 45.68 ? 55 SER P CB  1 
ATOM 448 O OG  . SER A 1 55 ? -2.794  5.335   -6.156  1.00 45.68 ? 55 SER P OG  1 
ATOM 449 N N   . LEU A 1 56 ? -2.446  5.078   -10.297 1.00 41.36 ? 56 LEU P N   1 
ATOM 450 C CA  . LEU A 1 56 ? -2.176  3.847   -11.034 1.00 41.36 ? 56 LEU P CA  1 
ATOM 451 C C   . LEU A 1 56 ? -0.954  3.076   -10.539 1.00 41.36 ? 56 LEU P C   1 
ATOM 452 O O   . LEU A 1 56 ? -1.048  1.840   -10.437 1.00 41.36 ? 56 LEU P O   1 
ATOM 453 C CB  . LEU A 1 56 ? -2.048  4.164   -12.529 1.00 41.36 ? 56 LEU P CB  1 
ATOM 454 C CG  . LEU A 1 56 ? -3.366  4.329   -13.287 1.00 41.36 ? 56 LEU P CG  1 
ATOM 455 C CD1 . LEU A 1 56 ? -3.111  4.658   -14.750 1.00 41.36 ? 56 LEU P CD1 1 
ATOM 456 C CD2 . LEU A 1 56 ? -4.226  3.081   -13.156 1.00 41.36 ? 56 LEU P CD2 1 
ATOM 457 N N   . PRO A 1 57 ? 0.204   3.699   -10.261 1.00 38.16 ? 57 PRO P N   1 
ATOM 458 C CA  . PRO A 1 57 ? 1.386   2.891   -9.896  1.00 38.16 ? 57 PRO P CA  1 
ATOM 459 C C   . PRO A 1 57 ? 1.197   2.008   -8.674  1.00 38.16 ? 57 PRO P C   1 
ATOM 460 O O   . PRO A 1 57 ? 1.656   0.857   -8.678  1.00 38.16 ? 57 PRO P O   1 
ATOM 461 C CB  . PRO A 1 57 ? 2.466   3.955   -9.660  1.00 38.16 ? 57 PRO P CB  1 
ATOM 462 C CG  . PRO A 1 57 ? 2.050   5.094   -10.504 1.00 38.16 ? 57 PRO P CG  1 
ATOM 463 C CD  . PRO A 1 57 ? 0.558   5.123   -10.410 1.00 38.16 ? 57 PRO P CD  1 
ATOM 464 N N   . MET A 1 58 ? 0.537   2.502   -7.623  1.00 36.09 ? 58 MET P N   1 
ATOM 465 C CA  . MET A 1 58 ? 0.329   1.663   -6.448  1.00 36.09 ? 58 MET P CA  1 
ATOM 466 C C   . MET A 1 58 ? -0.607  0.502   -6.756  1.00 36.09 ? 58 MET P C   1 
ATOM 467 O O   . MET A 1 58 ? -0.406  -0.611  -6.259  1.00 36.09 ? 58 MET P O   1 
ATOM 468 C CB  . MET A 1 58 ? -0.192  2.488   -5.269  1.00 36.09 ? 58 MET P CB  1 
ATOM 469 C CG  . MET A 1 58 ? 0.904   3.240   -4.523  1.00 36.09 ? 58 MET P CG  1 
ATOM 470 S SD  . MET A 1 58 ? 0.332   4.300   -3.179  1.00 36.09 ? 58 MET P SD  1 
ATOM 471 C CE  . MET A 1 58 ? -0.402  5.656   -4.080  1.00 36.09 ? 58 MET P CE  1 
ATOM 472 N N   . LEU A 1 59 ? -1.630  0.737   -7.581  1.00 37.01 ? 59 LEU P N   1 
ATOM 473 C CA  . LEU A 1 59 ? -2.499  -0.359  -7.996  1.00 37.01 ? 59 LEU P CA  1 
ATOM 474 C C   . LEU A 1 59 ? -1.720  -1.408  -8.778  1.00 37.01 ? 59 LEU P C   1 
ATOM 475 O O   . LEU A 1 59 ? -1.895  -2.615  -8.563  1.00 37.01 ? 59 LEU P O   1 
ATOM 476 C CB  . LEU A 1 59 ? -3.660  0.178   -8.833  1.00 37.01 ? 59 LEU P CB  1 
ATOM 477 C CG  . LEU A 1 59 ? -4.667  1.083   -8.123  1.00 37.01 ? 59 LEU P CG  1 
ATOM 478 C CD1 . LEU A 1 59 ? -5.989  1.089   -8.869  1.00 37.01 ? 59 LEU P CD1 1 
ATOM 479 C CD2 . LEU A 1 59 ? -4.868  0.640   -6.683  1.00 37.01 ? 59 LEU P CD2 1 
ATOM 480 N N   . SER A 1 60 ? -0.847  -0.964  -9.685  1.00 37.54 ? 60 SER P N   1 
ATOM 481 C CA  . SER A 1 60 ? -0.045  -1.898  -10.468 1.00 37.54 ? 60 SER P CA  1 
ATOM 482 C C   . SER A 1 60 ? 0.888   -2.709  -9.577  1.00 37.54 ? 60 SER P C   1 
ATOM 483 O O   . SER A 1 60 ? 1.068   -3.913  -9.787  1.00 37.54 ? 60 SER P O   1 
ATOM 484 C CB  . SER A 1 60 ? 0.753   -1.142  -11.528 1.00 37.54 ? 60 SER P CB  1 
ATOM 485 O OG  . SER A 1 60 ? 1.566   -2.025  -12.280 1.00 37.54 ? 60 SER P OG  1 
ATOM 486 N N   . VAL A 1 61 ? 1.499   -2.062  -8.583  1.00 35.12 ? 61 VAL P N   1 
ATOM 487 C CA  . VAL A 1 61 ? 2.405   -2.774  -7.687  1.00 35.12 ? 61 VAL P CA  1 
ATOM 488 C C   . VAL A 1 61 ? 1.638   -3.770  -6.823  1.00 35.12 ? 61 VAL P C   1 
ATOM 489 O O   . VAL A 1 61 ? 2.073   -4.913  -6.638  1.00 35.12 ? 61 VAL P O   1 
ATOM 490 C CB  . VAL A 1 61 ? 3.204   -1.773  -6.833  1.00 35.12 ? 61 VAL P CB  1 
ATOM 491 C CG1 . VAL A 1 61 ? 3.802   -2.464  -5.621  1.00 35.12 ? 61 VAL P CG1 1 
ATOM 492 C CG2 . VAL A 1 61 ? 4.294   -1.121  -7.668  1.00 35.12 ? 61 VAL P CG2 1 
ATOM 493 N N   . ILE A 1 62 ? 0.486   -3.360  -6.287  1.00 36.44 ? 62 ILE P N   1 
ATOM 494 C CA  . ILE A 1 62 ? -0.282  -4.231  -5.400  1.00 36.44 ? 62 ILE P CA  1 
ATOM 495 C C   . ILE A 1 62 ? -0.804  -5.445  -6.158  1.00 36.44 ? 62 ILE P C   1 
ATOM 496 O O   . ILE A 1 62 ? -0.730  -6.579  -5.670  1.00 36.44 ? 62 ILE P O   1 
ATOM 497 C CB  . ILE A 1 62 ? -1.428  -3.444  -4.741  1.00 36.44 ? 62 ILE P CB  1 
ATOM 498 C CG1 . ILE A 1 62 ? -0.880  -2.451  -3.717  1.00 36.44 ? 62 ILE P CG1 1 
ATOM 499 C CG2 . ILE A 1 62 ? -2.413  -4.391  -4.076  1.00 36.44 ? 62 ILE P CG2 1 
ATOM 500 C CD1 . ILE A 1 62 ? -1.944  -1.588  -3.082  1.00 36.44 ? 62 ILE P CD1 1 
ATOM 501 N N   . ASN A 1 63 ? -1.336  -5.229  -7.364  1.00 38.26 ? 63 ASN P N   1 
ATOM 502 C CA  . ASN A 1 63 ? -2.004  -6.314  -8.078  1.00 38.26 ? 63 ASN P CA  1 
ATOM 503 C C   . ASN A 1 63 ? -1.032  -7.409  -8.501  1.00 38.26 ? 63 ASN P C   1 
ATOM 504 O O   . ASN A 1 63 ? -1.422  -8.580  -8.580  1.00 38.26 ? 63 ASN P O   1 
ATOM 505 C CB  . ASN A 1 63 ? -2.745  -5.758  -9.292  1.00 38.26 ? 63 ASN P CB  1 
ATOM 506 C CG  . ASN A 1 63 ? -4.032  -5.058  -8.911  1.00 38.26 ? 63 ASN P CG  1 
ATOM 507 O OD1 . ASN A 1 63 ? -4.107  -4.396  -7.877  1.00 38.26 ? 63 ASN P OD1 1 
ATOM 508 N ND2 . ASN A 1 63 ? -5.054  -5.200  -9.745  1.00 38.26 ? 63 ASN P ND2 1 
ATOM 509 N N   . ASP A 1 64 ? 0.221   -7.060  -8.780  1.00 43.70 ? 64 ASP P N   1 
ATOM 510 C CA  . ASP A 1 64 ? 1.211   -8.069  -9.134  1.00 43.70 ? 64 ASP P CA  1 
ATOM 511 C C   . ASP A 1 64 ? 1.549   -8.930  -7.923  1.00 43.70 ? 64 ASP P C   1 
ATOM 512 O O   . ASP A 1 64 ? 1.681   -8.431  -6.802  1.00 43.70 ? 64 ASP P O   1 
ATOM 513 C CB  . ASP A 1 64 ? 2.474   -7.407  -9.681  1.00 43.70 ? 64 ASP P CB  1 
ATOM 514 C CG  . ASP A 1 64 ? 3.257   -8.322  -10.602 1.00 43.70 ? 64 ASP P CG  1 
ATOM 515 O OD1 . ASP A 1 64 ? 2.844   -8.488  -11.769 1.00 43.70 ? 64 ASP P OD1 1 
ATOM 516 O OD2 . ASP A 1 64 ? 4.284   -8.876  -10.159 1.00 43.70 ? 64 ASP P OD2 1 
ATOM 517 N N   . LEU A 1 65 ? 1.694   -10.235 -8.154  1.00 46.61 ? 65 LEU P N   1 
ATOM 518 C CA  . LEU A 1 65 ? 1.973   -11.179 -7.080  1.00 46.61 ? 65 LEU P CA  1 
ATOM 519 C C   . LEU A 1 65 ? 3.446   -11.541 -6.952  1.00 46.61 ? 65 LEU P C   1 
ATOM 520 O O   . LEU A 1 65 ? 3.879   -11.915 -5.856  1.00 46.61 ? 65 LEU P O   1 
ATOM 521 C CB  . LEU A 1 65 ? 1.164   -12.466 -7.278  1.00 46.61 ? 65 LEU P CB  1 
ATOM 522 C CG  . LEU A 1 65 ? -0.318  -12.404 -6.907  1.00 46.61 ? 65 LEU P CG  1 
ATOM 523 C CD1 . LEU A 1 65 ? -0.977  -13.759 -7.104  1.00 46.61 ? 65 LEU P CD1 1 
ATOM 524 C CD2 . LEU A 1 65 ? -0.483  -11.930 -5.475  1.00 46.61 ? 65 LEU P CD2 1 
ATOM 525 N N   . GLY A 1 66 ? 4.217   -11.446 -8.029  1.00 46.44 ? 66 GLY P N   1 
ATOM 526 C CA  . GLY A 1 66 ? 5.621   -11.787 -7.969  1.00 46.44 ? 66 GLY P CA  1 
ATOM 527 C C   . GLY A 1 66 ? 6.429   -10.767 -7.192  1.00 46.44 ? 66 GLY P C   1 
ATOM 528 O O   . GLY A 1 66 ? 5.975   -9.665  -6.875  1.00 46.44 ? 66 GLY P O   1 
ATOM 529 N N   . ASN A 1 67 ? 7.660   -11.156 -6.872  1.00 46.37 ? 67 ASN P N   1 
ATOM 530 C CA  . ASN A 1 67 ? 8.563   -10.260 -6.163  1.00 46.37 ? 67 ASN P CA  1 
ATOM 531 C C   . ASN A 1 67 ? 8.902   -9.046  -7.021  1.00 46.37 ? 67 ASN P C   1 
ATOM 532 O O   . ASN A 1 67 ? 9.001   -9.137  -8.248  1.00 46.37 ? 67 ASN P O   1 
ATOM 533 C CB  . ASN A 1 67 ? 9.836   -11.004 -5.748  1.00 46.37 ? 67 ASN P CB  1 
ATOM 534 C CG  . ASN A 1 67 ? 10.520  -11.706 -6.909  1.00 46.37 ? 67 ASN P CG  1 
ATOM 535 O OD1 . ASN A 1 67 ? 10.130  -11.558 -8.066  1.00 46.37 ? 67 ASN P OD1 1 
ATOM 536 N ND2 . ASN A 1 67 ? 11.553  -12.479 -6.599  1.00 46.37 ? 67 ASN P ND2 1 
ATOM 537 N N   . ILE A 1 68 ? 9.057   -7.899  -6.369  1.00 42.17 ? 68 ILE P N   1 
ATOM 538 C CA  . ILE A 1 68 ? 9.309   -6.644  -7.058  1.00 42.17 ? 68 ILE P CA  1 
ATOM 539 C C   . ILE A 1 68 ? 10.639  -6.072  -6.588  1.00 42.17 ? 68 ILE P C   1 
ATOM 540 O O   . ILE A 1 68 ? 11.192  -6.465  -5.557  1.00 42.17 ? 68 ILE P O   1 
ATOM 541 C CB  . ILE A 1 68 ? 8.173   -5.624  -6.843  1.00 42.17 ? 68 ILE P CB  1 
ATOM 542 C CG1 . ILE A 1 68 ? 8.318   -4.947  -5.480  1.00 42.17 ? 68 ILE P CG1 1 
ATOM 543 C CG2 . ILE A 1 68 ? 6.816   -6.298  -6.964  1.00 42.17 ? 68 ILE P CG2 1 
ATOM 544 C CD1 . ILE A 1 68 ? 7.418   -3.753  -5.297  1.00 42.17 ? 68 ILE P CD1 1 
ATOM 545 N N   . ASP A 1 69 ? 11.156  -5.129  -7.368  1.00 42.25 ? 69 ASP P N   1 
ATOM 546 C CA  . ASP A 1 69 ? 12.398  -4.435  -7.065  1.00 42.25 ? 69 ASP P CA  1 
ATOM 547 C C   . ASP A 1 69 ? 12.078  -3.001  -6.670  1.00 42.25 ? 69 ASP P C   1 
ATOM 548 O O   . ASP A 1 69 ? 11.283  -2.333  -7.339  1.00 42.25 ? 69 ASP P O   1 
ATOM 549 C CB  . ASP A 1 69 ? 13.347  -4.462  -8.265  1.00 42.25 ? 69 ASP P CB  1 
ATOM 550 C CG  . ASP A 1 69 ? 14.771  -4.108  -7.891  1.00 42.25 ? 69 ASP P CG  1 
ATOM 551 O OD1 . ASP A 1 69 ? 15.012  -3.758  -6.717  1.00 42.25 ? 69 ASP P OD1 1 
ATOM 552 O OD2 . ASP A 1 69 ? 15.652  -4.181  -8.773  1.00 42.25 ? 69 ASP P OD2 1 
ATOM 553 N N   . LEU A 1 70 ? 12.694  -2.534  -5.587  1.00 37.84 ? 70 LEU P N   1 
ATOM 554 C CA  . LEU A 1 70 ? 12.437  -1.191  -5.084  1.00 37.84 ? 70 LEU P CA  1 
ATOM 555 C C   . LEU A 1 70 ? 13.275  -0.124  -5.774  1.00 37.84 ? 70 LEU P C   1 
ATOM 556 O O   . LEU A 1 70 ? 13.138  1.057   -5.440  1.00 37.84 ? 70 LEU P O   1 
ATOM 557 C CB  . LEU A 1 70 ? 12.682  -1.142  -3.574  1.00 37.84 ? 70 LEU P CB  1 
ATOM 558 C CG  . LEU A 1 70 ? 11.709  -1.934  -2.699  1.00 37.84 ? 70 LEU P CG  1 
ATOM 559 C CD1 . LEU A 1 70 ? 11.798  -1.482  -1.250  1.00 37.84 ? 70 LEU P CD1 1 
ATOM 560 C CD2 . LEU A 1 70 ? 10.285  -1.805  -3.216  1.00 37.84 ? 70 LEU P CD2 1 
ATOM 561 N N   . ASN A 1 71 ? 14.134  -0.505  -6.719  1.00 37.85 ? 71 ASN P N   1 
ATOM 562 C CA  . ASN A 1 71 ? 14.983  0.454   -7.414  1.00 37.85 ? 71 ASN P CA  1 
ATOM 563 C C   . ASN A 1 71 ? 14.307  1.091   -8.620  1.00 37.85 ? 71 ASN P C   1 
ATOM 564 O O   . ASN A 1 71 ? 14.898  1.985   -9.235  1.00 37.85 ? 71 ASN P O   1 
ATOM 565 C CB  . ASN A 1 71 ? 16.281  -0.222  -7.861  1.00 37.85 ? 71 ASN P CB  1 
ATOM 566 C CG  . ASN A 1 71 ? 17.226  -0.492  -6.709  1.00 37.85 ? 71 ASN P CG  1 
ATOM 567 O OD1 . ASN A 1 71 ? 18.049  0.351   -6.356  1.00 37.85 ? 71 ASN P OD1 1 
ATOM 568 N ND2 . ASN A 1 71 ? 17.115  -1.675  -6.117  1.00 37.85 ? 71 ASN P ND2 1 
ATOM 569 N N   . VAL A 1 72 ? 13.095  0.665   -8.975  1.00 37.79 ? 72 VAL P N   1 
ATOM 570 C CA  . VAL A 1 72 ? 12.445  1.152   -10.186 1.00 37.79 ? 72 VAL P CA  1 
ATOM 571 C C   . VAL A 1 72 ? 11.381  2.213   -9.918  1.00 37.79 ? 72 VAL P C   1 
ATOM 572 O O   . VAL A 1 72 ? 10.985  2.921   -10.858 1.00 37.79 ? 72 VAL P O   1 
ATOM 573 C CB  . VAL A 1 72 ? 11.829  -0.016  -10.984 1.00 37.79 ? 72 VAL P CB  1 
ATOM 574 C CG1 . VAL A 1 72 ? 12.915  -0.976  -11.437 1.00 37.79 ? 72 VAL P CG1 1 
ATOM 575 C CG2 . VAL A 1 72 ? 10.784  -0.736  -10.149 1.00 37.79 ? 72 VAL P CG2 1 
ATOM 576 N N   . ILE A 1 73 ? 10.908  2.345   -8.686  1.00 38.44 ? 73 ILE P N   1 
ATOM 577 C CA  . ILE A 1 73 ? 9.869   3.312   -8.343  1.00 38.44 ? 73 ILE P CA  1 
ATOM 578 C C   . ILE A 1 73 ? 10.547  4.585   -7.840  1.00 38.44 ? 73 ILE P C   1 
ATOM 579 O O   . ILE A 1 73 ? 11.394  4.504   -6.936  1.00 38.44 ? 73 ILE P O   1 
ATOM 580 C CB  . ILE A 1 73 ? 8.886   2.747   -7.310  1.00 38.44 ? 73 ILE P CB  1 
ATOM 581 C CG1 . ILE A 1 73 ? 9.601   2.308   -6.030  1.00 38.44 ? 73 ILE P CG1 1 
ATOM 582 C CG2 . ILE A 1 73 ? 8.114   1.577   -7.898  1.00 38.44 ? 73 ILE P CG2 1 
ATOM 583 C CD1 . ILE A 1 73 ? 8.659   1.933   -4.916  1.00 38.44 ? 73 ILE P CD1 1 
ATOM 584 N N   . PRO A 1 74 ? 10.251  5.751   -8.418  1.00 41.62 ? 74 PRO P N   1 
ATOM 585 C CA  . PRO A 1 74 ? 10.905  6.988   -7.973  1.00 41.62 ? 74 PRO P CA  1 
ATOM 586 C C   . PRO A 1 74 ? 10.175  7.666   -6.824  1.00 41.62 ? 74 PRO P C   1 
ATOM 587 O O   . PRO A 1 74 ? 9.158   7.163   -6.336  1.00 41.62 ? 74 PRO P O   1 
ATOM 588 C CB  . PRO A 1 74 ? 10.889  7.869   -9.232  1.00 41.62 ? 74 PRO P CB  1 
ATOM 589 C CG  . PRO A 1 74 ? 10.291  7.009   -10.337 1.00 41.62 ? 74 PRO P CG  1 
ATOM 590 C CD  . PRO A 1 74 ? 9.482   5.965   -9.650  1.00 41.62 ? 74 PRO P CD  1 
ATOM 591 N N   . GLN A 1 75 ? 10.694  8.817   -6.387  1.00 45.04 ? 75 GLN P N   1 
ATOM 592 C CA  . GLN A 1 75 ? 10.048  9.588   -5.333  1.00 45.04 ? 75 GLN P CA  1 
ATOM 593 C C   . GLN A 1 75 ? 8.756   10.248  -5.800  1.00 45.04 ? 75 GLN P C   1 
ATOM 594 O O   . GLN A 1 75 ? 7.969   10.699  -4.961  1.00 45.04 ? 75 GLN P O   1 
ATOM 595 C CB  . GLN A 1 75 ? 11.007  10.656  -4.802  1.00 45.04 ? 75 GLN P CB  1 
ATOM 596 C CG  . GLN A 1 75 ? 10.846  10.969  -3.322  1.00 45.04 ? 75 GLN P CG  1 
ATOM 597 C CD  . GLN A 1 75 ? 11.602  10.002  -2.432  1.00 45.04 ? 75 GLN P CD  1 
ATOM 598 O OE1 . GLN A 1 75 ? 12.636  9.461   -2.823  1.00 45.04 ? 75 GLN P OE1 1 
ATOM 599 N NE2 . GLN A 1 75 ? 11.091  9.785   -1.227  1.00 45.04 ? 75 GLN P NE2 1 
ATOM 600 N N   . ASN A 1 76 ? 8.530   10.325  -7.113  1.00 46.27 ? 76 ASN P N   1 
ATOM 601 C CA  . ASN A 1 76 ? 7.335   10.989  -7.627  1.00 46.27 ? 76 ASN P CA  1 
ATOM 602 C C   . ASN A 1 76 ? 6.064   10.267  -7.200  1.00 46.27 ? 76 ASN P C   1 
ATOM 603 O O   . ASN A 1 76 ? 5.070   10.908  -6.842  1.00 46.27 ? 76 ASN P O   1 
ATOM 604 C CB  . ASN A 1 76 ? 7.401   11.080  -9.151  1.00 46.27 ? 76 ASN P CB  1 
ATOM 605 C CG  . ASN A 1 76 ? 8.475   12.033  -9.631  1.00 46.27 ? 76 ASN P CG  1 
ATOM 606 O OD1 . ASN A 1 76 ? 8.658   13.114  -9.072  1.00 46.27 ? 76 ASN P OD1 1 
ATOM 607 N ND2 . ASN A 1 76 ? 9.195   11.635  -10.674 1.00 46.27 ? 76 ASN P ND2 1 
ATOM 608 N N   . TYR A 1 77 ? 6.075   8.933   -7.233  1.00 42.60 ? 77 TYR P N   1 
ATOM 609 C CA  . TYR A 1 77 ? 4.871   8.157   -6.970  1.00 42.60 ? 77 TYR P CA  1 
ATOM 610 C C   . TYR A 1 77 ? 4.491   8.128   -5.496  1.00 42.60 ? 77 TYR P C   1 
ATOM 611 O O   . TYR A 1 77 ? 3.405   7.640   -5.166  1.00 42.60 ? 77 TYR P O   1 
ATOM 612 C CB  . TYR A 1 77 ? 5.055   6.729   -7.484  1.00 42.60 ? 77 TYR P CB  1 
ATOM 613 C CG  . TYR A 1 77 ? 5.171   6.637   -8.987  1.00 42.60 ? 77 TYR P CG  1 
ATOM 614 C CD1 . TYR A 1 77 ? 4.542   7.561   -9.808  1.00 42.60 ? 77 TYR P CD1 1 
ATOM 615 C CD2 . TYR A 1 77 ? 5.912   5.628   -9.585  1.00 42.60 ? 77 TYR P CD2 1 
ATOM 616 C CE1 . TYR A 1 77 ? 4.647   7.483   -11.183 1.00 42.60 ? 77 TYR P CE1 1 
ATOM 617 C CE2 . TYR A 1 77 ? 6.022   5.540   -10.959 1.00 42.60 ? 77 TYR P CE2 1 
ATOM 618 C CZ  . TYR A 1 77 ? 5.388   6.470   -11.754 1.00 42.60 ? 77 TYR P CZ  1 
ATOM 619 O OH  . TYR A 1 77 ? 5.495   6.388   -13.122 1.00 42.60 ? 77 TYR P OH  1 
ATOM 620 N N   . PHE A 1 78 ? 5.349   8.627   -4.609  1.00 40.92 ? 78 PHE P N   1 
ATOM 621 C CA  . PHE A 1 78 ? 5.059   8.599   -3.182  1.00 40.92 ? 78 PHE P CA  1 
ATOM 622 C C   . PHE A 1 78 ? 3.879   9.505   -2.856  1.00 40.92 ? 78 PHE P C   1 
ATOM 623 O O   . PHE A 1 78 ? 3.815   10.650  -3.314  1.00 40.92 ? 78 PHE P O   1 
ATOM 624 C CB  . PHE A 1 78 ? 6.289   9.031   -2.385  1.00 40.92 ? 78 PHE P CB  1 
ATOM 625 C CG  . PHE A 1 78 ? 7.232   7.909   -2.065  1.00 40.92 ? 78 PHE P CG  1 
ATOM 626 C CD1 . PHE A 1 78 ? 7.322   6.801   -2.889  1.00 40.92 ? 78 PHE P CD1 1 
ATOM 627 C CD2 . PHE A 1 78 ? 8.032   7.964   -0.938  1.00 40.92 ? 78 PHE P CD2 1 
ATOM 628 C CE1 . PHE A 1 78 ? 8.190   5.770   -2.594  1.00 40.92 ? 78 PHE P CE1 1 
ATOM 629 C CE2 . PHE A 1 78 ? 8.902   6.936   -0.639  1.00 40.92 ? 78 PHE P CE2 1 
ATOM 630 C CZ  . PHE A 1 78 ? 8.982   5.839   -1.466  1.00 40.92 ? 78 PHE P CZ  1 
ATOM 631 N N   . ALA A 1 79 ? 2.947   8.992   -2.061  1.00 42.82 ? 79 ALA P N   1 
ATOM 632 C CA  . ALA A 1 79 ? 1.816   9.784   -1.606  1.00 42.82 ? 79 ALA P CA  1 
ATOM 633 C C   . ALA A 1 79 ? 2.226   10.682  -0.445  1.00 42.82 ? 79 ALA P C   1 
ATOM 634 O O   . ALA A 1 79 ? 3.162   10.382  0.300   1.00 42.82 ? 79 ALA P O   1 
ATOM 635 C CB  . ALA A 1 79 ? 0.659   8.880   -1.183  1.00 42.82 ? 79 ALA P CB  1 
ATOM 636 N N   . THR A 1 80 ? 1.513   11.794  -0.298  1.00 48.40 ? 80 THR P N   1 
ATOM 637 C CA  . THR A 1 80 ? 1.815   12.734  0.769   1.00 48.40 ? 80 THR P CA  1 
ATOM 638 C C   . THR A 1 80 ? 1.422   12.153  2.126   1.00 48.40 ? 80 THR P C   1 
ATOM 639 O O   . THR A 1 80 ? 0.589   11.248  2.231   1.00 48.40 ? 80 THR P O   1 
ATOM 640 C CB  . THR A 1 80 ? 1.098   14.066  0.535   1.00 48.40 ? 80 THR P CB  1 
ATOM 641 O OG1 . THR A 1 80 ? 1.380   14.959  1.618   1.00 48.40 ? 80 THR P OG1 1 
ATOM 642 C CG2 . THR A 1 80 ? -0.403  13.855  0.429   1.00 48.40 ? 80 THR P CG2 1 
ATOM 643 N N   . ALA A 1 81 ? 2.043   12.687  3.174   1.00 47.02 ? 81 ALA P N   1 
ATOM 644 C CA  . ALA A 1 81 ? 1.840   12.169  4.518   1.00 47.02 ? 81 ALA P CA  1 
ATOM 645 C C   . ALA A 1 81 ? 0.453   12.531  5.041   1.00 47.02 ? 81 ALA P C   1 
ATOM 646 O O   . ALA A 1 81 ? -0.207  13.454  4.554   1.00 47.02 ? 81 ALA P O   1 
ATOM 647 C CB  . ALA A 1 81 ? 2.913   12.704  5.465   1.00 47.02 ? 81 ALA P CB  1 
ATOM 648 N N   . PHE A 1 82 ? 0.018   11.780  6.057   1.00 50.77 ? 82 PHE P N   1 
ATOM 649 C CA  . PHE A 1 82 ? -1.285  11.978  6.697   1.00 50.77 ? 82 PHE P CA  1 
ATOM 650 C C   . PHE A 1 82 ? -2.424  11.893  5.684   1.00 50.77 ? 82 PHE P C   1 
ATOM 651 O O   . PHE A 1 82 ? -3.350  12.705  5.693   1.00 50.77 ? 82 PHE P O   1 
ATOM 652 C CB  . PHE A 1 82 ? -1.332  13.305  7.457   1.00 50.77 ? 82 PHE P CB  1 
ATOM 653 C CG  . PHE A 1 82 ? -0.642  13.266  8.789   1.00 50.77 ? 82 PHE P CG  1 
ATOM 654 C CD1 . PHE A 1 82 ? -1.235  12.642  9.873   1.00 50.77 ? 82 PHE P CD1 1 
ATOM 655 C CD2 . PHE A 1 82 ? 0.599   13.854  8.957   1.00 50.77 ? 82 PHE P CD2 1 
ATOM 656 C CE1 . PHE A 1 82 ? -0.602  12.605  11.099  1.00 50.77 ? 82 PHE P CE1 1 
ATOM 657 C CE2 . PHE A 1 82 ? 1.237   13.821  10.181  1.00 50.77 ? 82 PHE P CE2 1 
ATOM 658 C CZ  . PHE A 1 82 ? 0.635   13.196  11.253  1.00 50.77 ? 82 PHE P CZ  1 
ATOM 659 N N   . THR A 1 83 ? -2.354  10.900  4.804   1.00 52.59 ? 83 THR P N   1 
ATOM 660 C CA  . THR A 1 83 ? -3.333  10.729  3.741   1.00 52.59 ? 83 THR P CA  1 
ATOM 661 C C   . THR A 1 83 ? -4.326  9.636   4.112   1.00 52.59 ? 83 THR P C   1 
ATOM 662 O O   . THR A 1 83 ? -3.939  8.556   4.568   1.00 52.59 ? 83 THR P O   1 
ATOM 663 C CB  . THR A 1 83 ? -2.646  10.381  2.419   1.00 52.59 ? 83 THR P CB  1 
ATOM 664 O OG1 . THR A 1 83 ? -1.726  11.421  2.072   1.00 52.59 ? 83 THR P OG1 1 
ATOM 665 C CG2 . THR A 1 83 ? -3.670  10.238  1.305   1.00 52.59 ? 83 THR P CG2 1 
ATOM 666 N N   . GLU A 1 84 ? -5.609  9.927   3.918   1.00 52.80 ? 84 GLU P N   1 
ATOM 667 C CA  . GLU A 1 84 ? -6.679  8.969   4.161   1.00 52.80 ? 84 GLU P CA  1 
ATOM 668 C C   . GLU A 1 84 ? -6.933  8.179   2.882   1.00 52.80 ? 84 GLU P C   1 
ATOM 669 O O   . GLU A 1 84 ? -7.307  8.758   1.857   1.00 52.80 ? 84 GLU P O   1 
ATOM 670 C CB  . GLU A 1 84 ? -7.948  9.694   4.608   1.00 52.80 ? 84 GLU P CB  1 
ATOM 671 C CG  . GLU A 1 84 ? -9.172  8.811   4.730   1.00 52.80 ? 84 GLU P CG  1 
ATOM 672 C CD  . GLU A 1 84 ? -9.237  8.089   6.058   1.00 52.80 ? 84 GLU P CD  1 
ATOM 673 O OE1 . GLU A 1 84 ? -8.660  8.598   7.041   1.00 52.80 ? 84 GLU P OE1 1 
ATOM 674 O OE2 . GLU A 1 84 ? -9.869  7.016   6.119   1.00 52.80 ? 84 GLU P OE2 1 
ATOM 675 N N   . ILE A 1 85 ? -6.735  6.863   2.939   1.00 49.50 ? 85 ILE P N   1 
ATOM 676 C CA  . ILE A 1 85 ? -6.888  6.000   1.773   1.00 49.50 ? 85 ILE P CA  1 
ATOM 677 C C   . ILE A 1 85 ? -7.894  4.906   2.097   1.00 49.50 ? 85 ILE P C   1 
ATOM 678 O O   . ILE A 1 85 ? -7.753  4.205   3.105   1.00 49.50 ? 85 ILE P O   1 
ATOM 679 C CB  . ILE A 1 85 ? -5.545  5.392   1.331   1.00 49.50 ? 85 ILE P CB  1 
ATOM 680 C CG1 . ILE A 1 85 ? -4.573  6.496   0.912   1.00 49.50 ? 85 ILE P CG1 1 
ATOM 681 C CG2 . ILE A 1 85 ? -5.755  4.410   0.191   1.00 49.50 ? 85 ILE P CG2 1 
ATOM 682 C CD1 . ILE A 1 85 ? -3.260  5.982   0.371   1.00 49.50 ? 85 ILE P CD1 1 
ATOM 683 N N   . TYR A 1 86 ? -8.898  4.755   1.238   1.00 52.51 ? 86 TYR P N   1 
ATOM 684 C CA  . TYR A 1 86 ? -9.943  3.756   1.398   1.00 52.51 ? 86 TYR P CA  1 
ATOM 685 C C   . TYR A 1 86 ? -9.742  2.621   0.401   1.00 52.51 ? 86 TYR P C   1 
ATOM 686 O O   . TYR A 1 86 ? -9.253  2.830   -0.713  1.00 52.51 ? 86 TYR P O   1 
ATOM 687 C CB  . TYR A 1 86 ? -11.330 4.374   1.205   1.00 52.51 ? 86 TYR P CB  1 
ATOM 688 C CG  . TYR A 1 86 ? -11.963 4.894   2.475   1.00 52.51 ? 86 TYR P CG  1 
ATOM 689 C CD1 . TYR A 1 86 ? -11.710 6.184   2.921   1.00 52.51 ? 86 TYR P CD1 1 
ATOM 690 C CD2 . TYR A 1 86 ? -12.817 4.097   3.224   1.00 52.51 ? 86 TYR P CD2 1 
ATOM 691 C CE1 . TYR A 1 86 ? -12.290 6.664   4.079   1.00 52.51 ? 86 TYR P CE1 1 
ATOM 692 C CE2 . TYR A 1 86 ? -13.400 4.568   4.384   1.00 52.51 ? 86 TYR P CE2 1 
ATOM 693 C CZ  . TYR A 1 86 ? -13.133 5.852   4.807   1.00 52.51 ? 86 TYR P CZ  1 
ATOM 694 O OH  . TYR A 1 86 ? -13.710 6.326   5.962   1.00 52.51 ? 86 TYR P OH  1 
ATOM 695 N N   . PHE A 1 87 ? -10.128 1.416   0.810   1.00 52.20 ? 87 PHE P N   1 
ATOM 696 C CA  . PHE A 1 87 ? -9.961  0.216   0.004   1.00 52.20 ? 87 PHE P CA  1 
ATOM 697 C C   . PHE A 1 87 ? -11.317 -0.329  -0.424  1.00 52.20 ? 87 PHE P C   1 
ATOM 698 O O   . PHE A 1 87 ? -12.286 -0.278  0.338   1.00 52.20 ? 87 PHE P O   1 
ATOM 699 C CB  . PHE A 1 87 ? -9.197  -0.865  0.773   1.00 52.20 ? 87 PHE P CB  1 
ATOM 700 C CG  . PHE A 1 87 ? -7.751  -0.543  1.002   1.00 52.20 ? 87 PHE P CG  1 
ATOM 701 C CD1 . PHE A 1 87 ? -6.864  -0.485  -0.060  1.00 52.20 ? 87 PHE P CD1 1 
ATOM 702 C CD2 . PHE A 1 87 ? -7.274  -0.305  2.278   1.00 52.20 ? 87 PHE P CD2 1 
ATOM 703 C CE1 . PHE A 1 87 ? -5.532  -0.191  0.148   1.00 52.20 ? 87 PHE P CE1 1 
ATOM 704 C CE2 . PHE A 1 87 ? -5.943  -0.010  2.492   1.00 52.20 ? 87 PHE P CE2 1 
ATOM 705 C CZ  . PHE A 1 87 ? -5.071  0.046   1.426   1.00 52.20 ? 87 PHE P CZ  1 
ATOM 706 N N   . ASN A 1 88 ? -11.376 -0.850  -1.647  1.00 53.60 ? 88 ASN P N   1 
ATOM 707 C CA  . ASN A 1 88 ? -12.558 -1.525  -2.181  1.00 53.60 ? 88 ASN P CA  1 
ATOM 708 C C   . ASN A 1 88 ? -12.129 -2.926  -2.604  1.00 53.60 ? 88 ASN P C   1 
ATOM 709 O O   . ASN A 1 88 ? -11.796 -3.161  -3.768  1.00 53.60 ? 88 ASN P O   1 
ATOM 710 C CB  . ASN A 1 88 ? -13.167 -0.746  -3.346  1.00 53.60 ? 88 ASN P CB  1 
ATOM 711 C CG  . ASN A 1 88 ? -14.339 0.114   -2.923  1.00 53.60 ? 88 ASN P CG  1 
ATOM 712 O OD1 . ASN A 1 88 ? -14.863 -0.028  -1.818  1.00 53.60 ? 88 ASN P OD1 1 
ATOM 713 N ND2 . ASN A 1 88 ? -14.763 1.011   -3.806  1.00 53.60 ? 88 ASN P ND2 1 
ATOM 714 N N   . ILE A 1 89 ? -12.143 -3.859  -1.656  1.00 57.41 ? 89 ILE P N   1 
ATOM 715 C CA  . ILE A 1 89 ? -11.713 -5.230  -1.915  1.00 57.41 ? 89 ILE P CA  1 
ATOM 716 C C   . ILE A 1 89 ? -12.892 -6.053  -2.423  1.00 57.41 ? 89 ILE P C   1 
ATOM 717 O O   . ILE A 1 89 ? -13.974 -6.040  -1.816  1.00 57.41 ? 89 ILE P O   1 
ATOM 718 C CB  . ILE A 1 89 ? -11.069 -5.856  -0.665  1.00 57.41 ? 89 ILE P CB  1 
ATOM 719 C CG1 . ILE A 1 89 ? -12.063 -5.937  0.495   1.00 57.41 ? 89 ILE P CG1 1 
ATOM 720 C CG2 . ILE A 1 89 ? -9.836  -5.068  -0.254  1.00 57.41 ? 89 ILE P CG2 1 
ATOM 721 C CD1 . ILE A 1 89 ? -11.565 -6.748  1.670   1.00 57.41 ? 89 ILE P CD1 1 
ATOM 722 N N   . PRO A 1 90 ? -12.748 -6.745  -3.551  1.00 61.08 ? 90 PRO P N   1 
ATOM 723 C CA  . PRO A 1 90 ? -13.833 -7.608  -4.027  1.00 61.08 ? 90 PRO P CA  1 
ATOM 724 C C   . PRO A 1 90 ? -14.008 -8.826  -3.136  1.00 61.08 ? 90 PRO P C   1 
ATOM 725 O O   . PRO A 1 90 ? -13.070 -9.287  -2.480  1.00 61.08 ? 90 PRO P O   1 
ATOM 726 C CB  . PRO A 1 90 ? -13.385 -8.012  -5.440  1.00 61.08 ? 90 PRO P CB  1 
ATOM 727 C CG  . PRO A 1 90 ? -12.171 -7.180  -5.747  1.00 61.08 ? 90 PRO P CG  1 
ATOM 728 C CD  . PRO A 1 90 ? -11.580 -6.775  -4.442  1.00 61.08 ? 90 PRO P CD  1 
ATOM 729 N N   . PHE A 1 91 ? -15.229 -9.348  -3.120  1.00 69.54 ? 91 PHE P N   1 
ATOM 730 C CA  . PHE A 1 91 ? -15.540 -10.544 -2.345  1.00 69.54 ? 91 PHE P CA  1 
ATOM 731 C C   . PHE A 1 91 ? -16.776 -11.245 -2.898  1.00 69.54 ? 91 PHE P C   1 
ATOM 732 O O   . PHE A 1 91 ? -17.110 -11.099 -4.073  1.00 69.54 ? 91 PHE P O   1 
ATOM 733 C CB  . PHE A 1 91 ? -15.748 -10.193 -0.870  1.00 69.54 ? 91 PHE P CB  1 
ATOM 734 C CG  . PHE A 1 91 ? -17.103 -9.617  -0.567  1.00 69.54 ? 91 PHE P CG  1 
ATOM 735 C CD1 . PHE A 1 91 ? -17.447 -8.349  -1.006  1.00 69.54 ? 91 PHE P CD1 1 
ATOM 736 C CD2 . PHE A 1 91 ? -18.030 -10.343 0.162   1.00 69.54 ? 91 PHE P CD2 1 
ATOM 737 C CE1 . PHE A 1 91 ? -18.692 -7.818  -0.726  1.00 69.54 ? 91 PHE P CE1 1 
ATOM 738 C CE2 . PHE A 1 91 ? -19.276 -9.818  0.445   1.00 69.54 ? 91 PHE P CE2 1 
ATOM 739 C CZ  . PHE A 1 91 ? -19.608 -8.554  0.000   1.00 69.54 ? 91 PHE P CZ  1 
ATOM 740 N N   . UNK B 2 1  ? 21.683  0.259   -4.430  1.00 35.29 ? 1  UNK X N   1 
ATOM 741 C CA  . UNK B 2 1  ? 21.135  1.231   -3.491  1.00 35.29 ? 1  UNK X CA  1 
ATOM 742 C C   . UNK B 2 1  ? 20.017  0.615   -2.658  1.00 35.29 ? 1  UNK X C   1 
ATOM 743 O O   . UNK B 2 1  ? 20.266  0.040   -1.599  1.00 35.29 ? 1  UNK X O   1 
ATOM 744 C CB  . UNK B 2 1  ? 20.632  2.458   -4.233  1.00 35.29 ? 1  UNK X CB  1 
ATOM 745 N N   . UNK B 2 2  ? 18.784  0.738   -3.142  1.00 35.49 ? 2  UNK X N   1 
ATOM 746 C CA  . UNK B 2 2  ? 17.634  0.195   -2.434  1.00 35.49 ? 2  UNK X CA  1 
ATOM 747 C C   . UNK B 2 2  ? 17.535  -1.310  -2.651  1.00 35.49 ? 2  UNK X C   1 
ATOM 748 O O   . UNK B 2 2  ? 17.724  -1.807  -3.764  1.00 35.49 ? 2  UNK X O   1 
ATOM 749 C CB  . UNK B 2 2  ? 16.349  0.878   -2.898  1.00 35.49 ? 2  UNK X CB  1 
ATOM 750 N N   . UNK B 2 3  ? 17.235  -2.033  -1.575  1.00 35.22 ? 3  UNK X N   1 
ATOM 751 C CA  . UNK B 2 3  ? 17.152  -3.482  -1.632  1.00 35.22 ? 3  UNK X CA  1 
ATOM 752 C C   . UNK B 2 3  ? 15.815  -3.927  -2.219  1.00 35.22 ? 3  UNK X C   1 
ATOM 753 O O   . UNK B 2 3  ? 14.839  -3.172  -2.259  1.00 35.22 ? 3  UNK X O   1 
ATOM 754 C CB  . UNK B 2 3  ? 17.344  -4.087  -0.242  1.00 35.22 ? 3  UNK X CB  1 
ATOM 755 N N   . UNK B 2 4  ? 15.781  -5.175  -2.676  1.00 37.00 ? 4  UNK X N   1 
ATOM 756 C CA  . UNK B 2 4  ? 14.586  -5.736  -3.283  1.00 37.00 ? 4  UNK X CA  1 
ATOM 757 C C   . UNK B 2 4  ? 13.620  -6.238  -2.211  1.00 37.00 ? 4  UNK X C   1 
ATOM 758 O O   . UNK B 2 4  ? 13.958  -6.357  -1.031  1.00 37.00 ? 4  UNK X O   1 
ATOM 759 C CB  . UNK B 2 4  ? 14.953  -6.869  -4.239  1.00 37.00 ? 4  UNK X CB  1 
ATOM 760 N N   . UNK B 2 5  ? 12.398  -6.537  -2.641  1.00 36.69 ? 5  UNK X N   1 
ATOM 761 C CA  . UNK B 2 5  ? 11.367  -7.034  -1.738  1.00 36.69 ? 5  UNK X CA  1 
ATOM 762 C C   . UNK B 2 5  ? 10.591  -8.184  -2.373  1.00 36.69 ? 5  UNK X C   1 
ATOM 763 O O   . UNK B 2 5  ? 10.006  -9.012  -1.676  1.00 36.69 ? 5  UNK X O   1 
ATOM 764 C CB  . UNK B 2 5  ? 10.420  -5.910  -1.344  1.00 36.69 ? 5  UNK X CB  1 
# 
